data_8PT6
#
_entry.id   8PT6
#
_cell.length_a   1.00
_cell.length_b   1.00
_cell.length_c   1.00
_cell.angle_alpha   90.00
_cell.angle_beta   90.00
_cell.angle_gamma   90.00
#
_symmetry.space_group_name_H-M   'P 1'
#
loop_
_entity.id
_entity.type
_entity.pdbx_description
1 polymer 'Polymerase acidic protein (PA-like)'
2 polymer 'Putative PB1'
3 polymer 'RNA-dependent RNA polymerase'
4 polymer "5' vRNA end - vRNA loop (40-mer)"
5 polymer "DNA (5'-D(*(CTP))-3')"
6 non-polymer 'ZINC ION'
7 non-polymer 'MAGNESIUM ION'
#
loop_
_entity_poly.entity_id
_entity_poly.type
_entity_poly.pdbx_seq_one_letter_code
_entity_poly.pdbx_strand_id
1 'polypeptide(L)'
;MDSRFAQLTGVFCDDFTYSEGSRRFLSSYSTVERRPGVPVEGDCYDCLKNKWIAFELEGQPRKFPKATVRCILNNDATYV
CSEQEYQQICKVQFKDYLEIDGVVKVGHKASYDAELRERLLELPHPKSGPKPRIEWVAPPRLADISKETAELKRQYGFFE
CSKFLACGEECGLDQEARELILNEYARDREFEFRNGGWIQRYTVASHKPATQKILPLPASAPLARELLMLIARSTTQAGK
VLHSDNTSILAVPVMRDSGKHSKRRPTASTHHLVVGLSKPGCEHDFEFDGYRAAVHVMHLDPKQSANIGEQDFVSTREIY
KLDMLELPPISRKGDLDRASGLETRWDVILLLECLDSTRVSQAVAQHFNRHRLALSVCKDEFRKGYQLASEIRGTIPLSS
LYYSLCAVRLRMTVHPFAR
;
A
2 'polypeptide(L)'
;MWAFQEGVCKGNLLSGPTSMKAPDSAARESIDRASEIMTGKSYNAVHTGDLSKLPNQGESPLRIVDSDLYSERSCCWVIE
KEGRVVCKSTTLTRGMTSLLNTTKCSSPSELICKVLTVESLSEKIGDTSVEELLSHGRYFKCALRDQERGKPKSRAIFLS
HPFFRLLSSVVETHARSVLSKVSAVYTATASAEQRAMMAAQVVESRKHVLNGDCTKYNEAIDADTLLKVWDAIGMGSIGV
MLAYMVRRKCVLIKDTLVECPGGMLMGMFNATATLALQGTTDRFLSFSDDFITSFNSPAELREIEDLLFASCHNLSLKKS
YISVASLEINSCTLTRDGDLATGLGCTAGVPFRGPLVTLKQTAAMLSGAVDSGVMPFHSAERLFQIKQQECAYRYNNPTY
TTRNEDFLPTCLGGKTVISFQSLLTWDCHPFWYQVHPDGPDTIDQKVLSVLASKTRRRRTRLEALSDLDPLVPHRLLVSE
SDVSKIRAARQAHLKSLGLEQPTNFNYAIYKAVQPTAGC
;
B
3 'polypeptide(L)'
;MSQFGKSFKGRTEVTITEYRSHTVKDVHRSLLTADKSLRKSFCFRNALNQFLDKDLPLLPIRPKLESRVAVKKSKLRSQL
SFRPGLTQEEAIDLYNKGYDGDSVSGALQDRVVNEPVAYSSADNDKFHRGLAALGYTLADRAFDTCESGFVRAIPTTPCG
FICCGPGSFKDSLGFVIKIGEFWHMYDGFQHFVAVEDAKFLASKSPSFWLAKRLAKRLNLVPKEDPSVAAAECPCKKVWE
ASFARAPTALDPFGGRAFCDQGWVYHRDVGYATANHISQETLFQQALSVRNLGPQGSANVSGSIHTALDRLRAAYSRGTP
ASRSILQGLANLITPVGENFECDLDKRKLNIKALRSPERYITIEGLVVNLDDVVRGFYLDKAKVTVLSRSKWMGYEDLPQ
KPPNGTFYCRKRKAMLLISCSPGTYAKKRKVAVQEDRFKDMRVENFREVAENMDLNQGSGSENLYFQGHHHHHHHHHH
;
C
4 'polyribonucleotide' GCAAAUCUUUCUCACGUCCUGACUUGUGAGUAAAAUUUGG V,S
5 'polydeoxyribonucleotide' (CTP) F
#
loop_
_chem_comp.id
_chem_comp.type
_chem_comp.name
_chem_comp.formula
A RNA linking ADENOSINE-5'-MONOPHOSPHATE 'C10 H14 N5 O7 P'
C RNA linking CYTIDINE-5'-MONOPHOSPHATE 'C9 H14 N3 O8 P'
CTP non-polymer CYTIDINE-5'-TRIPHOSPHATE 'C9 H16 N3 O14 P3'
G RNA linking GUANOSINE-5'-MONOPHOSPHATE 'C10 H14 N5 O8 P'
MG non-polymer 'MAGNESIUM ION' 'Mg 2'
U RNA linking URIDINE-5'-MONOPHOSPHATE 'C9 H13 N2 O9 P'
ZN non-polymer 'ZINC ION' 'Zn 2'
#
# COMPACT_ATOMS: atom_id res chain seq x y z
N MET A 1 24.15 6.08 -38.25
CA MET A 1 23.68 6.91 -39.40
C MET A 1 22.44 6.28 -40.03
N ASP A 2 21.27 6.67 -39.55
CA ASP A 2 19.99 6.16 -40.02
C ASP A 2 19.09 7.33 -40.40
N SER A 3 18.40 7.18 -41.53
CA SER A 3 17.60 8.28 -42.05
C SER A 3 16.36 8.56 -41.18
N ARG A 4 15.91 7.56 -40.42
CA ARG A 4 14.69 7.74 -39.63
C ARG A 4 14.82 8.87 -38.62
N PHE A 5 16.04 9.23 -38.24
CA PHE A 5 16.27 10.30 -37.27
C PHE A 5 16.49 11.65 -37.93
N ALA A 6 16.54 11.71 -39.27
CA ALA A 6 16.82 12.97 -39.95
C ALA A 6 15.84 14.05 -39.51
N GLN A 7 14.55 13.75 -39.53
CA GLN A 7 13.56 14.70 -39.04
C GLN A 7 13.77 14.97 -37.55
N LEU A 8 14.00 13.92 -36.76
CA LEU A 8 14.08 14.08 -35.31
C LEU A 8 15.20 15.04 -34.94
N THR A 9 16.38 14.90 -35.56
CA THR A 9 17.45 15.84 -35.32
C THR A 9 17.22 17.17 -36.05
N GLY A 10 16.47 17.14 -37.15
CA GLY A 10 16.24 18.36 -37.90
C GLY A 10 15.59 19.44 -37.06
N VAL A 11 14.62 19.05 -36.23
CA VAL A 11 13.99 20.01 -35.32
C VAL A 11 14.72 20.12 -33.98
N PHE A 12 15.74 19.30 -33.75
CA PHE A 12 16.44 19.32 -32.47
C PHE A 12 17.10 20.67 -32.23
N CYS A 13 17.57 21.33 -33.30
CA CYS A 13 18.31 22.58 -33.21
C CYS A 13 17.74 23.56 -34.24
N ASP A 14 16.73 24.33 -33.83
CA ASP A 14 16.12 25.30 -34.73
C ASP A 14 17.11 26.37 -35.15
N ASP A 15 17.54 27.21 -34.20
CA ASP A 15 18.44 28.32 -34.49
C ASP A 15 19.46 28.53 -33.38
N PHE A 16 19.86 27.47 -32.70
CA PHE A 16 20.76 27.60 -31.56
C PHE A 16 22.09 28.23 -31.98
N THR A 17 22.61 29.10 -31.13
CA THR A 17 23.81 29.88 -31.41
C THR A 17 24.92 29.50 -30.42
N TYR A 18 26.16 29.65 -30.86
CA TYR A 18 27.30 29.25 -30.03
C TYR A 18 28.33 30.36 -29.81
N SER A 19 28.62 31.18 -30.83
CA SER A 19 29.61 32.24 -30.67
C SER A 19 29.01 33.63 -30.77
N GLU A 20 28.46 34.01 -31.92
CA GLU A 20 27.69 35.25 -32.02
C GLU A 20 26.30 34.97 -32.57
N GLY A 21 26.25 34.37 -33.77
CA GLY A 21 25.01 33.96 -34.39
C GLY A 21 25.12 32.59 -35.04
N SER A 22 26.33 32.07 -35.16
CA SER A 22 26.56 30.84 -35.90
C SER A 22 25.86 29.67 -35.24
N ARG A 23 25.38 28.74 -36.08
CA ARG A 23 24.64 27.59 -35.57
C ARG A 23 25.51 26.79 -34.61
N ARG A 24 24.96 26.49 -33.43
CA ARG A 24 25.70 25.68 -32.46
C ARG A 24 25.70 24.22 -32.87
N PHE A 25 24.56 23.71 -33.33
CA PHE A 25 24.41 22.31 -33.71
C PHE A 25 24.30 22.23 -35.23
N LEU A 26 25.19 21.45 -35.84
CA LEU A 26 25.17 21.20 -37.27
C LEU A 26 24.66 19.79 -37.52
N SER A 27 23.61 19.66 -38.33
CA SER A 27 23.00 18.37 -38.59
C SER A 27 23.77 17.63 -39.68
N SER A 28 24.01 16.34 -39.45
CA SER A 28 24.73 15.51 -40.40
C SER A 28 23.86 15.00 -41.53
N TYR A 29 22.54 15.19 -41.45
CA TYR A 29 21.63 14.77 -42.50
C TYR A 29 21.45 15.81 -43.60
N SER A 30 22.01 17.01 -43.43
CA SER A 30 21.82 18.11 -44.37
C SER A 30 23.17 18.51 -44.95
N THR A 31 23.22 18.65 -46.28
CA THR A 31 24.45 19.05 -46.93
C THR A 31 24.90 20.44 -46.49
N VAL A 32 23.94 21.36 -46.36
CA VAL A 32 24.28 22.75 -46.04
C VAL A 32 24.95 22.83 -44.67
N GLU A 33 24.41 22.12 -43.68
CA GLU A 33 24.94 22.19 -42.33
C GLU A 33 26.01 21.15 -42.04
N ARG A 34 26.04 20.06 -42.79
CA ARG A 34 27.04 19.03 -42.53
C ARG A 34 28.44 19.58 -42.73
N ARG A 35 29.37 19.14 -41.88
CA ARG A 35 30.75 19.59 -41.97
C ARG A 35 31.50 18.76 -43.01
N PRO A 36 31.95 19.34 -44.11
CA PRO A 36 32.69 18.55 -45.10
C PRO A 36 34.12 18.27 -44.64
N GLY A 37 34.70 17.22 -45.24
CA GLY A 37 36.07 16.85 -44.97
C GLY A 37 36.30 16.13 -43.67
N VAL A 38 35.26 15.77 -42.94
CA VAL A 38 35.40 15.05 -41.68
C VAL A 38 34.42 13.88 -41.66
N PRO A 39 34.76 12.75 -41.06
CA PRO A 39 33.80 11.64 -40.96
C PRO A 39 32.64 11.99 -40.04
N VAL A 40 31.52 11.31 -40.26
CA VAL A 40 30.34 11.50 -39.42
C VAL A 40 30.36 10.45 -38.32
N GLU A 41 30.29 10.91 -37.07
CA GLU A 41 30.25 10.03 -35.90
C GLU A 41 29.05 10.33 -35.01
N GLY A 42 28.11 11.14 -35.46
CA GLY A 42 26.92 11.45 -34.67
C GLY A 42 25.89 12.12 -35.54
N ASP A 43 24.66 12.14 -35.02
CA ASP A 43 23.56 12.75 -35.75
C ASP A 43 23.76 14.26 -35.91
N CYS A 44 24.31 14.91 -34.89
CA CYS A 44 24.60 16.34 -34.96
C CYS A 44 25.95 16.61 -34.28
N TYR A 45 26.56 17.72 -34.68
CA TYR A 45 27.84 18.16 -34.12
C TYR A 45 27.63 19.47 -33.37
N ASP A 46 28.04 19.49 -32.11
CA ASP A 46 28.00 20.70 -31.29
C ASP A 46 29.37 21.38 -31.34
N CYS A 47 29.39 22.60 -31.86
CA CYS A 47 30.65 23.32 -32.05
C CYS A 47 31.20 23.87 -30.74
N LEU A 48 30.31 24.34 -29.86
CA LEU A 48 30.79 24.94 -28.61
C LEU A 48 31.57 23.93 -27.78
N LYS A 49 31.04 22.71 -27.64
CA LYS A 49 31.74 21.63 -26.96
C LYS A 49 32.49 20.73 -27.91
N ASN A 50 32.37 20.95 -29.22
CA ASN A 50 33.08 20.15 -30.22
C ASN A 50 32.78 18.66 -30.04
N LYS A 51 31.52 18.36 -29.74
CA LYS A 51 31.08 17.00 -29.43
C LYS A 51 30.09 16.54 -30.49
N TRP A 52 29.66 15.28 -30.37
CA TRP A 52 28.72 14.68 -31.29
C TRP A 52 27.57 14.08 -30.51
N ILE A 53 26.35 14.33 -30.99
CA ILE A 53 25.12 13.88 -30.34
C ILE A 53 24.40 12.95 -31.31
N ALA A 54 24.02 11.76 -30.82
CA ALA A 54 23.33 10.76 -31.61
C ALA A 54 22.00 10.42 -30.96
N PHE A 55 20.96 10.31 -31.80
CA PHE A 55 19.60 10.03 -31.35
C PHE A 55 19.26 8.57 -31.61
N GLU A 56 18.77 7.88 -30.58
CA GLU A 56 18.42 6.48 -30.67
C GLU A 56 17.20 6.22 -29.81
N LEU A 57 16.44 5.18 -30.17
CA LEU A 57 15.20 4.87 -29.47
C LEU A 57 15.48 4.15 -28.15
N GLU A 58 14.43 3.99 -27.36
CA GLU A 58 14.54 3.38 -26.04
C GLU A 58 15.00 1.93 -26.16
N GLY A 59 16.21 1.65 -25.68
CA GLY A 59 16.73 0.29 -25.75
C GLY A 59 17.16 -0.15 -27.14
N GLN A 60 17.46 0.80 -28.02
CA GLN A 60 17.88 0.52 -29.39
C GLN A 60 19.17 1.26 -29.67
N PRO A 61 20.30 0.80 -29.12
CA PRO A 61 21.56 1.50 -29.33
C PRO A 61 21.97 1.50 -30.80
N ARG A 62 22.70 2.54 -31.19
CA ARG A 62 23.18 2.71 -32.55
C ARG A 62 24.69 2.49 -32.61
N LYS A 63 25.16 2.07 -33.78
CA LYS A 63 26.58 1.80 -34.00
C LYS A 63 27.30 3.14 -34.11
N PHE A 64 27.69 3.69 -32.97
CA PHE A 64 28.42 4.94 -32.90
C PHE A 64 29.57 4.80 -31.92
N PRO A 65 30.62 5.59 -32.06
CA PRO A 65 31.75 5.52 -31.13
C PRO A 65 31.34 5.97 -29.73
N LYS A 66 32.05 5.47 -28.73
CA LYS A 66 31.74 5.82 -27.35
C LYS A 66 31.88 7.32 -27.10
N ALA A 67 32.74 8.00 -27.87
CA ALA A 67 32.91 9.43 -27.70
C ALA A 67 31.63 10.18 -27.99
N THR A 68 30.91 9.78 -29.04
CA THR A 68 29.66 10.45 -29.40
C THR A 68 28.67 10.36 -28.25
N VAL A 69 28.06 11.50 -27.93
CA VAL A 69 27.07 11.56 -26.86
C VAL A 69 25.76 10.95 -27.35
N ARG A 70 25.18 10.07 -26.54
CA ARG A 70 23.96 9.37 -26.89
C ARG A 70 22.76 10.07 -26.24
N CYS A 71 21.73 10.31 -27.04
CA CYS A 71 20.50 10.97 -26.60
C CYS A 71 19.33 10.02 -26.84
N ILE A 72 19.05 9.16 -25.85
CA ILE A 72 17.93 8.24 -25.98
C ILE A 72 16.62 9.00 -25.87
N LEU A 73 15.60 8.49 -26.57
CA LEU A 73 14.25 9.04 -26.49
C LEU A 73 13.34 7.93 -25.95
N ASN A 74 13.00 8.02 -24.68
CA ASN A 74 12.14 7.02 -24.06
C ASN A 74 10.77 7.02 -24.71
N ASN A 75 10.05 5.92 -24.54
CA ASN A 75 8.71 5.79 -25.09
C ASN A 75 7.66 6.51 -24.25
N ASP A 76 8.02 7.02 -23.07
CA ASP A 76 7.09 7.71 -22.18
C ASP A 76 7.31 9.21 -22.20
N ALA A 77 7.63 9.77 -23.37
CA ALA A 77 7.74 11.22 -23.55
C ALA A 77 8.80 11.83 -22.63
N THR A 78 9.91 11.13 -22.46
CA THR A 78 11.06 11.65 -21.74
C THR A 78 12.32 11.29 -22.50
N TYR A 79 13.36 12.12 -22.33
CA TYR A 79 14.56 12.04 -23.15
C TYR A 79 15.79 11.87 -22.26
N VAL A 80 16.92 11.59 -22.90
CA VAL A 80 18.17 11.32 -22.22
C VAL A 80 19.29 12.08 -22.92
N CYS A 81 20.35 12.36 -22.17
CA CYS A 81 21.60 12.84 -22.75
C CYS A 81 22.65 12.92 -21.66
N SER A 82 23.90 12.70 -22.05
CA SER A 82 24.99 12.76 -21.09
C SER A 82 25.18 14.17 -20.53
N GLU A 83 24.82 15.19 -21.31
CA GLU A 83 24.99 16.58 -20.90
C GLU A 83 23.62 17.16 -20.57
N GLN A 84 23.54 17.84 -19.42
CA GLN A 84 22.27 18.44 -19.02
C GLN A 84 21.79 19.48 -20.02
N GLU A 85 22.72 20.24 -20.61
CA GLU A 85 22.33 21.24 -21.60
C GLU A 85 21.58 20.59 -22.77
N TYR A 86 22.16 19.54 -23.34
CA TYR A 86 21.52 18.87 -24.47
C TYR A 86 20.20 18.23 -24.05
N GLN A 87 20.16 17.68 -22.84
CA GLN A 87 18.91 17.08 -22.35
C GLN A 87 17.81 18.13 -22.29
N GLN A 88 18.10 19.30 -21.70
CA GLN A 88 17.10 20.36 -21.64
C GLN A 88 16.73 20.85 -23.04
N ILE A 89 17.72 20.97 -23.92
CA ILE A 89 17.45 21.44 -25.28
C ILE A 89 16.47 20.51 -25.98
N CYS A 90 16.73 19.20 -25.93
CA CYS A 90 15.86 18.26 -26.62
C CYS A 90 14.50 18.15 -25.94
N LYS A 91 14.46 18.26 -24.60
CA LYS A 91 13.19 18.22 -23.90
C LYS A 91 12.31 19.40 -24.30
N VAL A 92 12.90 20.60 -24.39
CA VAL A 92 12.12 21.78 -24.74
C VAL A 92 11.71 21.74 -26.21
N GLN A 93 12.64 21.38 -27.09
CA GLN A 93 12.38 21.45 -28.52
C GLN A 93 11.43 20.36 -28.99
N PHE A 94 11.44 19.20 -28.34
CA PHE A 94 10.62 18.06 -28.73
C PHE A 94 9.26 18.06 -28.06
N LYS A 95 8.74 19.24 -27.68
CA LYS A 95 7.40 19.29 -27.09
C LYS A 95 6.36 18.67 -28.02
N ASP A 96 6.60 18.72 -29.33
CA ASP A 96 5.74 18.05 -30.29
C ASP A 96 6.09 16.56 -30.33
N TYR A 97 5.12 15.71 -30.05
CA TYR A 97 5.35 14.27 -30.00
C TYR A 97 5.30 13.72 -31.43
N LEU A 98 6.48 13.53 -32.03
CA LEU A 98 6.60 12.99 -33.37
C LEU A 98 7.01 11.52 -33.25
N GLU A 99 6.14 10.63 -33.72
CA GLU A 99 6.41 9.20 -33.66
C GLU A 99 7.52 8.84 -34.64
N ILE A 100 8.50 8.06 -34.17
CA ILE A 100 9.63 7.64 -34.98
C ILE A 100 9.48 6.15 -35.27
N ASP A 101 9.75 5.77 -36.51
CA ASP A 101 9.63 4.37 -36.91
C ASP A 101 10.62 3.51 -36.13
N GLY A 102 10.36 2.20 -36.10
CA GLY A 102 11.22 1.26 -35.42
C GLY A 102 10.93 1.06 -33.95
N VAL A 103 9.93 1.77 -33.40
CA VAL A 103 9.56 1.60 -31.99
C VAL A 103 8.76 0.32 -31.86
N VAL A 104 9.16 -0.52 -30.90
CA VAL A 104 8.49 -1.80 -30.68
C VAL A 104 7.17 -1.55 -29.95
N LYS A 105 6.08 -2.11 -30.47
CA LYS A 105 4.77 -1.97 -29.87
C LYS A 105 4.49 -3.13 -28.93
N VAL A 106 3.65 -2.87 -27.93
CA VAL A 106 3.35 -3.89 -26.92
C VAL A 106 2.70 -5.10 -27.58
N GLY A 107 1.97 -4.90 -28.67
CA GLY A 107 1.36 -5.98 -29.40
C GLY A 107 2.25 -6.64 -30.42
N HIS A 108 3.55 -6.36 -30.38
CA HIS A 108 4.48 -6.91 -31.36
C HIS A 108 4.41 -8.44 -31.38
N LYS A 109 4.38 -9.00 -32.59
CA LYS A 109 4.32 -10.44 -32.77
C LYS A 109 5.72 -10.95 -33.07
N ALA A 110 6.27 -11.74 -32.14
CA ALA A 110 7.61 -12.26 -32.31
C ALA A 110 7.63 -13.40 -33.31
N SER A 111 8.82 -13.74 -33.78
CA SER A 111 8.98 -14.83 -34.73
C SER A 111 8.64 -16.18 -34.12
N TYR A 112 8.55 -16.28 -32.80
CA TYR A 112 8.27 -17.52 -32.11
C TYR A 112 6.88 -17.56 -31.50
N ASP A 113 6.00 -16.63 -31.88
CA ASP A 113 4.64 -16.64 -31.34
C ASP A 113 3.92 -17.94 -31.69
N ALA A 114 4.05 -18.38 -32.94
CA ALA A 114 3.33 -19.59 -33.37
C ALA A 114 3.82 -20.81 -32.61
N GLU A 115 5.13 -20.96 -32.44
CA GLU A 115 5.65 -22.13 -31.75
C GLU A 115 5.23 -22.15 -30.29
N LEU A 116 5.29 -21.01 -29.61
CA LEU A 116 4.88 -20.95 -28.21
C LEU A 116 3.39 -21.23 -28.07
N ARG A 117 2.57 -20.70 -29.00
CA ARG A 117 1.14 -20.99 -28.96
C ARG A 117 0.87 -22.47 -29.18
N GLU A 118 1.60 -23.10 -30.10
CA GLU A 118 1.43 -24.52 -30.33
C GLU A 118 1.81 -25.32 -29.09
N ARG A 119 2.92 -24.95 -28.44
CA ARG A 119 3.32 -25.62 -27.21
C ARG A 119 2.26 -25.46 -26.13
N LEU A 120 1.71 -24.26 -26.00
CA LEU A 120 0.65 -24.03 -25.01
C LEU A 120 -0.57 -24.89 -25.31
N LEU A 121 -0.95 -24.98 -26.58
CA LEU A 121 -2.09 -25.80 -26.96
C LEU A 121 -1.84 -27.26 -26.63
N GLU A 122 -0.62 -27.76 -26.88
CA GLU A 122 -0.31 -29.15 -26.56
C GLU A 122 -0.36 -29.40 -25.06
N LEU A 123 -0.15 -28.38 -24.24
CA LEU A 123 -0.12 -28.54 -22.80
C LEU A 123 -1.52 -28.76 -22.25
N PRO A 124 -1.63 -29.30 -21.04
CA PRO A 124 -2.95 -29.61 -20.48
C PRO A 124 -3.77 -28.35 -20.21
N HIS A 125 -5.08 -28.52 -20.23
CA HIS A 125 -6.04 -27.45 -20.03
C HIS A 125 -7.03 -27.86 -18.95
N PRO A 126 -7.66 -26.88 -18.29
CA PRO A 126 -8.65 -27.22 -17.26
C PRO A 126 -9.95 -27.71 -17.86
N LYS A 127 -10.75 -28.35 -17.01
CA LYS A 127 -12.06 -28.85 -17.38
C LYS A 127 -13.15 -28.00 -16.73
N SER A 128 -14.26 -27.82 -17.44
CA SER A 128 -15.35 -27.03 -16.91
C SER A 128 -15.87 -27.64 -15.62
N GLY A 129 -16.03 -26.80 -14.59
CA GLY A 129 -16.53 -27.26 -13.32
C GLY A 129 -18.04 -27.26 -13.28
N PRO A 130 -18.60 -27.77 -12.19
CA PRO A 130 -20.06 -27.80 -12.06
C PRO A 130 -20.62 -26.46 -11.61
N LYS A 131 -21.77 -26.11 -12.17
CA LYS A 131 -22.46 -24.89 -11.76
C LYS A 131 -23.03 -25.09 -10.36
N PRO A 132 -22.71 -24.23 -9.39
CA PRO A 132 -23.23 -24.42 -8.04
C PRO A 132 -24.67 -23.96 -7.91
N ARG A 133 -25.38 -24.60 -6.98
CA ARG A 133 -26.75 -24.22 -6.63
C ARG A 133 -26.69 -23.41 -5.35
N ILE A 134 -27.20 -22.18 -5.41
CA ILE A 134 -27.10 -21.23 -4.31
C ILE A 134 -28.51 -20.95 -3.79
N GLU A 135 -28.70 -21.19 -2.50
CA GLU A 135 -29.95 -20.87 -1.82
C GLU A 135 -29.69 -19.73 -0.84
N TRP A 136 -30.45 -18.65 -0.98
CA TRP A 136 -30.32 -17.48 -0.12
C TRP A 136 -31.35 -17.57 0.99
N VAL A 137 -30.88 -17.54 2.23
CA VAL A 137 -31.72 -17.70 3.42
C VAL A 137 -31.33 -16.64 4.43
N ALA A 138 -32.10 -16.58 5.52
CA ALA A 138 -31.84 -15.62 6.57
C ALA A 138 -30.57 -16.02 7.34
N PRO A 139 -29.85 -15.06 7.91
CA PRO A 139 -28.60 -15.37 8.59
C PRO A 139 -28.84 -16.28 9.79
N PRO A 140 -27.77 -16.80 10.40
CA PRO A 140 -27.94 -17.69 11.54
C PRO A 140 -28.60 -16.99 12.73
N ARG A 141 -29.28 -17.79 13.54
CA ARG A 141 -29.96 -17.30 14.74
C ARG A 141 -29.13 -17.62 15.97
N LEU A 142 -29.69 -17.33 17.15
CA LEU A 142 -29.00 -17.64 18.40
C LEU A 142 -28.73 -19.12 18.54
N ALA A 143 -29.65 -19.95 18.05
CA ALA A 143 -29.51 -21.40 18.23
C ALA A 143 -28.27 -21.93 17.54
N ASP A 144 -27.94 -21.41 16.36
CA ASP A 144 -26.76 -21.90 15.65
C ASP A 144 -25.48 -21.59 16.41
N ILE A 145 -25.35 -20.37 16.93
CA ILE A 145 -24.17 -20.02 17.71
C ILE A 145 -24.12 -20.85 18.98
N SER A 146 -25.27 -21.08 19.61
CA SER A 146 -25.30 -21.93 20.79
C SER A 146 -24.82 -23.34 20.46
N LYS A 147 -25.23 -23.87 19.31
CA LYS A 147 -24.80 -25.20 18.91
C LYS A 147 -23.29 -25.22 18.65
N GLU A 148 -22.75 -24.18 18.03
CA GLU A 148 -21.30 -24.12 17.80
C GLU A 148 -20.55 -24.12 19.12
N THR A 149 -20.98 -23.28 20.06
CA THR A 149 -20.32 -23.22 21.36
C THR A 149 -20.42 -24.55 22.09
N ALA A 150 -21.59 -25.18 22.04
CA ALA A 150 -21.77 -26.48 22.69
C ALA A 150 -20.87 -27.54 22.06
N GLU A 151 -20.74 -27.51 20.73
CA GLU A 151 -19.87 -28.47 20.06
C GLU A 151 -18.42 -28.29 20.52
N LEU A 152 -17.95 -27.04 20.57
CA LEU A 152 -16.59 -26.79 21.04
C LEU A 152 -16.42 -27.28 22.47
N LYS A 153 -17.37 -26.92 23.34
CA LYS A 153 -17.27 -27.28 24.75
C LYS A 153 -17.24 -28.79 24.94
N ARG A 154 -18.11 -29.51 24.22
CA ARG A 154 -18.14 -30.96 24.33
C ARG A 154 -16.86 -31.58 23.79
N GLN A 155 -16.40 -31.13 22.61
CA GLN A 155 -15.25 -31.75 21.99
C GLN A 155 -13.98 -31.55 22.83
N TYR A 156 -13.79 -30.36 23.38
CA TYR A 156 -12.52 -30.02 24.02
C TYR A 156 -12.56 -29.99 25.53
N GLY A 157 -13.70 -29.66 26.14
CA GLY A 157 -13.77 -29.59 27.58
C GLY A 157 -13.06 -28.36 28.13
N PHE A 158 -12.80 -28.38 29.43
CA PHE A 158 -12.22 -27.24 30.13
C PHE A 158 -11.08 -27.68 31.03
N PHE A 159 -10.13 -26.77 31.23
CA PHE A 159 -9.06 -26.97 32.20
C PHE A 159 -9.57 -26.70 33.61
N GLU A 160 -8.94 -27.35 34.58
CA GLU A 160 -9.30 -27.12 35.98
C GLU A 160 -9.03 -25.67 36.39
N CYS A 161 -7.91 -25.13 35.97
CA CYS A 161 -7.51 -23.76 36.25
C CYS A 161 -7.36 -22.98 34.96
N SER A 162 -7.04 -21.70 35.09
CA SER A 162 -6.88 -20.81 33.94
C SER A 162 -5.47 -20.81 33.39
N LYS A 163 -4.56 -21.61 33.95
CA LYS A 163 -3.18 -21.68 33.48
C LYS A 163 -2.58 -20.27 33.40
N PHE A 164 -1.81 -19.99 32.35
CA PHE A 164 -1.12 -18.71 32.26
C PHE A 164 -2.08 -17.53 32.27
N LEU A 165 -3.33 -17.73 31.86
CA LEU A 165 -4.29 -16.63 31.88
C LEU A 165 -4.53 -16.12 33.30
N ALA A 166 -4.27 -16.94 34.32
CA ALA A 166 -4.40 -16.50 35.70
C ALA A 166 -3.29 -15.55 36.13
N CYS A 167 -2.23 -15.40 35.32
CA CYS A 167 -1.11 -14.54 35.68
C CYS A 167 -1.48 -13.07 35.64
N GLY A 168 -2.65 -12.71 35.12
CA GLY A 168 -3.10 -11.33 35.14
C GLY A 168 -3.55 -10.82 36.49
N GLU A 169 -3.48 -11.66 37.52
CA GLU A 169 -3.84 -11.28 38.88
C GLU A 169 -2.65 -11.50 39.80
N GLU A 170 -2.60 -10.72 40.88
CA GLU A 170 -1.47 -10.80 41.80
C GLU A 170 -1.40 -12.18 42.44
N CYS A 171 -0.18 -12.65 42.65
CA CYS A 171 0.06 -13.91 43.35
C CYS A 171 0.13 -13.75 44.86
N GLY A 172 0.12 -12.51 45.36
CA GLY A 172 0.17 -12.26 46.78
C GLY A 172 1.54 -12.29 47.40
N LEU A 173 2.59 -12.52 46.63
CA LEU A 173 3.96 -12.56 47.13
C LEU A 173 4.67 -11.25 46.84
N ASP A 174 5.71 -10.99 47.61
CA ASP A 174 6.53 -9.80 47.43
C ASP A 174 7.59 -10.04 46.37
N GLN A 175 8.29 -8.97 46.00
CA GLN A 175 9.26 -9.06 44.91
C GLN A 175 10.37 -10.05 45.24
N GLU A 176 10.90 -9.99 46.47
CA GLU A 176 11.92 -10.96 46.87
C GLU A 176 11.36 -12.37 46.86
N ALA A 177 10.16 -12.56 47.40
CA ALA A 177 9.54 -13.87 47.39
C ALA A 177 9.29 -14.36 45.98
N ARG A 178 8.82 -13.47 45.10
CA ARG A 178 8.57 -13.87 43.72
C ARG A 178 9.85 -14.29 43.03
N GLU A 179 10.93 -13.52 43.22
CA GLU A 179 12.20 -13.86 42.59
C GLU A 179 12.72 -15.20 43.09
N LEU A 180 12.67 -15.41 44.41
CA LEU A 180 13.17 -16.66 44.96
C LEU A 180 12.34 -17.83 44.47
N ILE A 181 11.02 -17.66 44.42
CA ILE A 181 10.14 -18.75 43.97
C ILE A 181 10.44 -19.09 42.52
N LEU A 182 10.59 -18.08 41.67
CA LEU A 182 10.86 -18.35 40.26
C LEU A 182 12.20 -19.02 40.07
N ASN A 183 13.25 -18.55 40.77
CA ASN A 183 14.55 -19.18 40.63
C ASN A 183 14.53 -20.62 41.14
N GLU A 184 13.84 -20.87 42.24
CA GLU A 184 13.77 -22.23 42.77
C GLU A 184 12.95 -23.15 41.87
N TYR A 185 11.90 -22.63 41.25
CA TYR A 185 11.17 -23.42 40.27
C TYR A 185 12.05 -23.76 39.08
N ALA A 186 12.84 -22.79 38.60
CA ALA A 186 13.75 -23.07 37.50
C ALA A 186 14.77 -24.13 37.89
N ARG A 187 15.30 -24.05 39.11
CA ARG A 187 16.28 -25.04 39.56
C ARG A 187 15.63 -26.41 39.72
N ASP A 188 14.36 -26.45 40.15
CA ASP A 188 13.69 -27.73 40.37
C ASP A 188 13.54 -28.50 39.07
N ARG A 189 13.24 -27.79 37.98
CA ARG A 189 13.04 -28.43 36.68
C ARG A 189 14.34 -28.82 35.99
N GLU A 190 15.45 -28.85 36.73
CA GLU A 190 16.75 -29.24 36.17
C GLU A 190 17.16 -28.34 35.02
N PHE A 191 16.80 -27.07 35.08
CA PHE A 191 17.24 -26.11 34.07
C PHE A 191 18.72 -25.80 34.25
N GLU A 192 19.45 -25.81 33.14
CA GLU A 192 20.87 -25.50 33.20
C GLU A 192 21.09 -24.06 33.62
N PHE A 193 22.10 -23.84 34.46
CA PHE A 193 22.47 -22.51 34.92
C PHE A 193 23.82 -22.14 34.31
N ARG A 194 23.87 -21.00 33.62
CA ARG A 194 25.09 -20.59 32.94
C ARG A 194 25.05 -19.08 32.74
N ASN A 195 26.18 -18.43 33.02
CA ASN A 195 26.33 -16.98 32.83
C ASN A 195 25.25 -16.23 33.60
N GLY A 196 24.95 -16.70 34.81
CA GLY A 196 23.94 -16.07 35.64
C GLY A 196 22.54 -16.14 35.07
N GLY A 197 22.28 -17.07 34.16
CA GLY A 197 20.97 -17.20 33.56
C GLY A 197 20.54 -18.65 33.50
N TRP A 198 19.25 -18.84 33.24
CA TRP A 198 18.65 -20.16 33.16
C TRP A 198 18.36 -20.52 31.71
N ILE A 199 18.61 -21.77 31.36
CA ILE A 199 18.38 -22.29 30.02
C ILE A 199 17.69 -23.64 30.14
N GLN A 200 16.69 -23.88 29.30
CA GLN A 200 16.00 -25.17 29.24
C GLN A 200 16.61 -26.00 28.13
N ARG A 201 16.86 -27.27 28.42
CA ARG A 201 17.51 -28.19 27.49
C ARG A 201 16.54 -29.27 27.07
N TYR A 202 16.54 -29.58 25.77
CA TYR A 202 15.71 -30.63 25.21
C TYR A 202 16.56 -31.51 24.31
N THR A 203 16.23 -32.80 24.28
CA THR A 203 16.90 -33.76 23.41
C THR A 203 15.97 -34.35 22.36
N VAL A 204 14.84 -34.92 22.77
CA VAL A 204 13.91 -35.58 21.87
C VAL A 204 12.55 -34.91 21.99
N ALA A 205 11.77 -35.02 20.91
CA ALA A 205 10.43 -34.43 20.85
C ALA A 205 9.42 -35.52 20.52
N SER A 206 8.28 -35.49 21.23
CA SER A 206 7.21 -36.42 20.94
C SER A 206 6.59 -36.19 19.57
N HIS A 207 6.75 -34.99 19.01
CA HIS A 207 6.21 -34.64 17.69
C HIS A 207 4.70 -34.75 17.64
N LYS A 208 4.03 -34.75 18.80
CA LYS A 208 2.58 -34.76 18.87
C LYS A 208 2.09 -33.42 19.40
N PRO A 209 0.94 -32.93 18.93
CA PRO A 209 0.42 -31.66 19.47
C PRO A 209 0.13 -31.77 20.96
N ALA A 210 0.37 -30.67 21.67
CA ALA A 210 0.07 -30.63 23.09
C ALA A 210 -1.43 -30.67 23.31
N THR A 211 -1.84 -31.34 24.39
CA THR A 211 -3.25 -31.41 24.72
C THR A 211 -3.83 -30.01 24.89
N GLN A 212 -4.98 -29.77 24.27
CA GLN A 212 -5.60 -28.46 24.23
C GLN A 212 -7.00 -28.52 24.79
N LYS A 213 -7.32 -27.61 25.70
CA LYS A 213 -8.65 -27.49 26.27
C LYS A 213 -8.99 -26.00 26.33
N ILE A 214 -10.07 -25.67 27.03
CA ILE A 214 -10.54 -24.29 27.16
C ILE A 214 -10.21 -23.80 28.56
N LEU A 215 -9.67 -22.59 28.65
CA LEU A 215 -9.25 -22.01 29.92
C LEU A 215 -10.42 -21.27 30.56
N PRO A 216 -10.83 -21.60 31.78
CA PRO A 216 -11.85 -20.79 32.45
C PRO A 216 -11.33 -19.39 32.74
N LEU A 217 -12.25 -18.44 32.77
CA LEU A 217 -11.88 -17.04 32.94
C LEU A 217 -11.67 -16.72 34.42
N PRO A 218 -10.51 -16.19 34.81
CA PRO A 218 -10.37 -15.66 36.17
C PRO A 218 -11.32 -14.50 36.41
N ALA A 219 -11.35 -14.02 37.65
CA ALA A 219 -12.29 -12.96 38.02
C ALA A 219 -12.02 -11.68 37.24
N SER A 220 -10.76 -11.29 37.09
CA SER A 220 -10.42 -10.03 36.45
C SER A 220 -8.99 -10.12 35.93
N ALA A 221 -8.46 -8.99 35.45
CA ALA A 221 -7.11 -8.93 34.93
C ALA A 221 -6.52 -7.54 35.19
N PRO A 222 -6.36 -7.14 36.45
CA PRO A 222 -5.79 -5.81 36.73
C PRO A 222 -4.37 -5.62 36.23
N LEU A 223 -3.60 -6.69 36.08
CA LEU A 223 -2.19 -6.61 35.73
C LEU A 223 -1.94 -6.91 34.26
N ALA A 224 -2.93 -6.70 33.39
CA ALA A 224 -2.76 -7.02 31.98
C ALA A 224 -1.63 -6.21 31.35
N ARG A 225 -1.61 -4.91 31.61
CA ARG A 225 -0.58 -4.05 31.04
C ARG A 225 0.80 -4.46 31.53
N GLU A 226 0.93 -4.70 32.84
CA GLU A 226 2.22 -5.13 33.38
C GLU A 226 2.65 -6.46 32.77
N LEU A 227 1.71 -7.40 32.64
CA LEU A 227 2.05 -8.70 32.07
C LEU A 227 2.54 -8.55 30.63
N LEU A 228 1.83 -7.75 29.83
CA LEU A 228 2.24 -7.58 28.43
C LEU A 228 3.60 -6.90 28.34
N MET A 229 3.84 -5.87 29.16
CA MET A 229 5.14 -5.21 29.16
C MET A 229 6.24 -6.19 29.54
N LEU A 230 6.01 -7.00 30.56
CA LEU A 230 7.02 -7.96 30.99
C LEU A 230 7.28 -9.00 29.91
N ILE A 231 6.23 -9.46 29.23
CA ILE A 231 6.43 -10.42 28.14
C ILE A 231 7.25 -9.79 27.03
N ALA A 232 6.96 -8.54 26.68
CA ALA A 232 7.74 -7.86 25.66
C ALA A 232 9.21 -7.74 26.07
N ARG A 233 9.45 -7.41 27.35
CA ARG A 233 10.82 -7.20 27.81
C ARG A 233 11.60 -8.51 27.88
N SER A 234 11.00 -9.56 28.43
CA SER A 234 11.75 -10.73 28.84
C SER A 234 12.39 -11.44 27.66
N THR A 235 11.62 -11.71 26.61
CA THR A 235 12.14 -12.50 25.50
C THR A 235 13.31 -11.81 24.81
N THR A 236 13.45 -10.50 24.96
CA THR A 236 14.64 -9.80 24.50
C THR A 236 15.70 -9.67 25.59
N GLN A 237 15.40 -10.08 26.81
CA GLN A 237 16.33 -10.05 27.93
C GLN A 237 16.20 -11.36 28.71
N ALA A 238 16.14 -12.47 27.99
CA ALA A 238 15.87 -13.75 28.60
C ALA A 238 17.03 -14.21 29.47
N GLY A 239 16.71 -15.09 30.41
CA GLY A 239 17.72 -15.73 31.26
C GLY A 239 17.57 -15.41 32.72
N LYS A 240 17.24 -14.17 33.06
CA LYS A 240 17.14 -13.72 34.43
C LYS A 240 15.73 -13.22 34.72
N VAL A 241 15.30 -13.42 35.96
CA VAL A 241 13.94 -13.04 36.35
C VAL A 241 13.78 -11.54 36.16
N LEU A 242 12.66 -11.14 35.56
CA LEU A 242 12.33 -9.74 35.33
C LEU A 242 11.16 -9.34 36.21
N HIS A 243 11.22 -8.13 36.76
CA HIS A 243 10.29 -7.67 37.78
C HIS A 243 9.46 -6.50 37.27
N SER A 244 8.23 -6.43 37.76
CA SER A 244 7.40 -5.25 37.56
C SER A 244 6.90 -4.75 38.91
N ASP A 245 5.98 -3.80 38.91
CA ASP A 245 5.51 -3.23 40.18
C ASP A 245 4.83 -4.29 41.03
N ASN A 246 4.02 -5.16 40.43
CA ASN A 246 3.23 -6.12 41.18
C ASN A 246 3.42 -7.57 40.75
N THR A 247 4.21 -7.85 39.73
CA THR A 247 4.44 -9.21 39.28
C THR A 247 5.81 -9.33 38.64
N SER A 248 6.26 -10.58 38.49
CA SER A 248 7.53 -10.89 37.87
C SER A 248 7.37 -12.12 37.01
N ILE A 249 8.26 -12.28 36.03
CA ILE A 249 8.26 -13.44 35.15
C ILE A 249 9.71 -13.89 34.94
N LEU A 250 9.86 -15.02 34.25
CA LEU A 250 11.18 -15.53 33.91
C LEU A 250 11.11 -16.20 32.54
N ALA A 251 11.84 -15.67 31.57
CA ALA A 251 11.89 -16.24 30.23
C ALA A 251 13.17 -17.05 30.09
N VAL A 252 13.03 -18.35 29.88
CA VAL A 252 14.16 -19.28 29.79
C VAL A 252 14.29 -19.71 28.33
N PRO A 253 15.40 -19.41 27.66
CA PRO A 253 15.58 -19.92 26.30
C PRO A 253 15.60 -21.44 26.28
N VAL A 254 15.05 -22.01 25.22
CA VAL A 254 14.99 -23.45 25.03
C VAL A 254 15.93 -23.81 23.89
N MET A 255 16.96 -24.60 24.20
CA MET A 255 17.98 -24.96 23.22
C MET A 255 18.33 -26.44 23.38
N ARG A 256 18.84 -27.03 22.30
CA ARG A 256 19.11 -28.45 22.27
C ARG A 256 20.33 -28.80 23.13
N ASP A 257 20.31 -30.02 23.67
CA ASP A 257 21.41 -30.55 24.48
C ASP A 257 22.21 -31.53 23.63
N SER A 258 23.22 -31.02 22.94
CA SER A 258 24.09 -31.86 22.12
C SER A 258 25.12 -32.61 22.97
N GLY A 259 25.93 -31.88 23.73
CA GLY A 259 26.97 -32.50 24.53
C GLY A 259 27.84 -31.51 25.25
N LYS A 260 29.17 -31.68 25.16
CA LYS A 260 30.08 -30.81 25.87
C LYS A 260 29.93 -29.36 25.42
N HIS A 261 29.77 -29.14 24.11
CA HIS A 261 29.63 -27.80 23.54
C HIS A 261 28.39 -27.82 22.65
N SER A 262 27.23 -27.58 23.25
CA SER A 262 25.96 -27.62 22.53
C SER A 262 25.52 -26.25 22.05
N LYS A 263 25.25 -25.32 22.97
CA LYS A 263 24.86 -23.97 22.62
C LYS A 263 24.81 -23.16 23.90
N ARG A 264 25.36 -21.93 23.84
CA ARG A 264 25.51 -21.11 25.02
C ARG A 264 24.67 -19.84 25.01
N ARG A 265 24.25 -19.37 23.84
CA ARG A 265 23.42 -18.17 23.75
C ARG A 265 22.25 -18.43 22.81
N PRO A 266 21.14 -17.72 23.00
CA PRO A 266 19.99 -17.92 22.12
C PRO A 266 20.16 -17.19 20.79
N THR A 267 19.58 -17.80 19.76
CA THR A 267 19.65 -17.28 18.40
C THR A 267 18.29 -16.71 18.01
N ALA A 268 18.27 -15.87 16.98
CA ALA A 268 17.05 -15.17 16.59
C ALA A 268 15.84 -16.09 16.52
N SER A 269 16.04 -17.38 16.25
CA SER A 269 14.94 -18.32 16.11
C SER A 269 14.68 -19.13 17.37
N THR A 270 15.43 -18.89 18.45
CA THR A 270 15.28 -19.69 19.65
C THR A 270 13.96 -19.37 20.33
N HIS A 271 13.27 -20.41 20.81
CA HIS A 271 12.01 -20.25 21.52
C HIS A 271 12.28 -20.03 23.01
N HIS A 272 11.26 -19.49 23.69
CA HIS A 272 11.37 -19.13 25.10
C HIS A 272 10.22 -19.76 25.88
N LEU A 273 10.56 -20.27 27.05
CA LEU A 273 9.57 -20.75 28.02
C LEU A 273 9.38 -19.63 29.05
N VAL A 274 8.22 -18.98 29.02
CA VAL A 274 7.92 -17.86 29.90
C VAL A 274 7.17 -18.40 31.11
N VAL A 275 7.67 -18.07 32.30
CA VAL A 275 7.13 -18.57 33.56
C VAL A 275 6.56 -17.39 34.33
N GLY A 276 5.30 -17.55 34.78
CA GLY A 276 4.65 -16.53 35.56
C GLY A 276 3.99 -17.15 36.78
N LEU A 277 3.56 -16.29 37.69
CA LEU A 277 3.03 -16.70 38.98
C LEU A 277 1.58 -16.26 39.15
N SER A 278 0.86 -16.99 39.99
CA SER A 278 -0.50 -16.63 40.36
C SER A 278 -0.79 -17.25 41.72
N LYS A 279 -1.99 -16.98 42.24
CA LYS A 279 -2.36 -17.52 43.53
C LYS A 279 -2.43 -19.04 43.49
N PRO A 280 -2.07 -19.72 44.57
CA PRO A 280 -2.12 -21.19 44.57
C PRO A 280 -3.56 -21.69 44.58
N GLY A 281 -3.70 -22.99 44.36
CA GLY A 281 -5.01 -23.61 44.36
C GLY A 281 -5.28 -24.45 43.13
N CYS A 282 -4.24 -24.81 42.39
CA CYS A 282 -4.37 -25.69 41.23
C CYS A 282 -3.26 -26.74 41.30
N GLU A 283 -3.19 -27.57 40.27
CA GLU A 283 -2.19 -28.63 40.23
C GLU A 283 -0.79 -28.11 40.00
N HIS A 284 -0.61 -26.81 39.78
CA HIS A 284 0.69 -26.23 39.47
C HIS A 284 1.28 -25.45 40.65
N ASP A 285 0.83 -25.73 41.87
CA ASP A 285 1.39 -25.05 43.03
C ASP A 285 2.84 -25.45 43.22
N PHE A 286 3.66 -24.48 43.65
CA PHE A 286 5.05 -24.70 43.98
C PHE A 286 5.32 -24.06 45.34
N GLU A 287 6.01 -24.79 46.20
CA GLU A 287 6.22 -24.42 47.59
C GLU A 287 7.72 -24.38 47.88
N PHE A 288 8.15 -23.38 48.63
CA PHE A 288 9.56 -23.29 49.01
C PHE A 288 9.69 -22.31 50.17
N ASP A 289 10.31 -22.77 51.26
CA ASP A 289 10.50 -21.96 52.46
C ASP A 289 9.27 -21.14 52.80
N GLY A 290 8.12 -21.81 52.88
CA GLY A 290 6.90 -21.19 53.35
C GLY A 290 6.19 -20.31 52.34
N TYR A 291 6.72 -20.18 51.13
CA TYR A 291 6.08 -19.40 50.08
C TYR A 291 5.51 -20.35 49.05
N ARG A 292 4.22 -20.21 48.76
CA ARG A 292 3.53 -21.05 47.79
C ARG A 292 2.90 -20.19 46.71
N ALA A 293 3.03 -20.63 45.46
CA ALA A 293 2.45 -19.89 44.35
C ALA A 293 2.26 -20.84 43.18
N ALA A 294 1.19 -20.62 42.41
CA ALA A 294 0.94 -21.44 41.23
C ALA A 294 1.79 -20.92 40.08
N VAL A 295 2.65 -21.78 39.55
CA VAL A 295 3.59 -21.42 38.49
C VAL A 295 3.03 -21.94 37.17
N HIS A 296 2.88 -21.04 36.20
CA HIS A 296 2.32 -21.37 34.90
C HIS A 296 3.30 -21.00 33.80
N VAL A 297 3.47 -21.88 32.83
CA VAL A 297 4.46 -21.71 31.78
C VAL A 297 3.75 -21.53 30.45
N MET A 298 4.47 -20.94 29.50
CA MET A 298 3.96 -20.72 28.16
C MET A 298 5.13 -20.75 27.19
N HIS A 299 5.05 -21.60 26.18
CA HIS A 299 6.13 -21.75 25.20
C HIS A 299 5.83 -20.88 23.99
N LEU A 300 6.74 -19.95 23.68
CA LEU A 300 6.52 -18.97 22.62
C LEU A 300 7.75 -18.89 21.72
N ASP A 301 7.52 -18.89 20.42
CA ASP A 301 8.59 -18.58 19.49
C ASP A 301 8.75 -17.07 19.36
N PRO A 302 9.89 -16.60 18.86
CA PRO A 302 10.16 -15.15 18.91
C PRO A 302 9.08 -14.29 18.29
N LYS A 303 8.50 -14.72 17.17
CA LYS A 303 7.45 -13.92 16.53
C LYS A 303 6.21 -13.84 17.40
N GLN A 304 5.80 -14.97 18.01
CA GLN A 304 4.65 -14.94 18.90
C GLN A 304 4.89 -14.04 20.09
N SER A 305 6.08 -14.11 20.69
CA SER A 305 6.39 -13.26 21.83
C SER A 305 6.36 -11.79 21.43
N ALA A 306 6.96 -11.44 20.29
CA ALA A 306 6.96 -10.06 19.85
C ALA A 306 5.54 -9.57 19.59
N ASN A 307 4.71 -10.41 18.96
CA ASN A 307 3.34 -10.02 18.68
C ASN A 307 2.55 -9.80 19.98
N ILE A 308 2.70 -10.71 20.93
CA ILE A 308 1.94 -10.60 22.19
C ILE A 308 2.39 -9.36 22.96
N GLY A 309 3.70 -9.14 23.04
CA GLY A 309 4.22 -8.10 23.91
C GLY A 309 3.97 -6.69 23.44
N GLU A 310 3.70 -6.50 22.15
CA GLU A 310 3.57 -5.17 21.57
C GLU A 310 2.13 -4.65 21.56
N GLN A 311 1.18 -5.40 22.11
CA GLN A 311 -0.21 -4.97 22.10
C GLN A 311 -0.46 -3.96 23.21
N ASP A 312 -1.29 -2.96 22.92
CA ASP A 312 -1.63 -1.90 23.87
C ASP A 312 -3.00 -2.22 24.45
N PHE A 313 -3.02 -2.71 25.69
CA PHE A 313 -4.26 -3.15 26.32
C PHE A 313 -5.14 -1.96 26.70
N VAL A 314 -4.54 -0.92 27.30
CA VAL A 314 -5.34 0.17 27.86
C VAL A 314 -6.01 0.96 26.74
N SER A 315 -5.24 1.32 25.70
CA SER A 315 -5.80 2.08 24.60
C SER A 315 -6.87 1.29 23.87
N THR A 316 -6.65 -0.01 23.67
CA THR A 316 -7.66 -0.84 23.04
C THR A 316 -8.94 -0.86 23.87
N ARG A 317 -8.81 -0.99 25.19
CA ARG A 317 -9.98 -0.99 26.05
C ARG A 317 -10.74 0.33 25.94
N GLU A 318 -10.00 1.45 25.93
CA GLU A 318 -10.66 2.75 25.85
C GLU A 318 -11.38 2.92 24.51
N ILE A 319 -10.72 2.52 23.42
CA ILE A 319 -11.35 2.65 22.11
C ILE A 319 -12.60 1.78 22.02
N TYR A 320 -12.54 0.57 22.58
CA TYR A 320 -13.73 -0.28 22.59
C TYR A 320 -14.85 0.35 23.42
N LYS A 321 -14.50 0.92 24.58
CA LYS A 321 -15.48 1.56 25.43
C LYS A 321 -16.11 2.79 24.80
N LEU A 322 -15.43 3.43 23.85
CA LEU A 322 -15.97 4.65 23.25
C LEU A 322 -17.40 4.46 22.77
N ASP A 323 -17.66 3.38 22.04
CA ASP A 323 -18.93 3.19 21.33
C ASP A 323 -19.49 1.80 21.60
N MET A 324 -19.57 1.43 22.87
CA MET A 324 -20.01 0.11 23.28
C MET A 324 -21.36 0.16 23.98
N LEU A 325 -22.09 -0.93 23.90
CA LEU A 325 -23.29 -1.13 24.70
C LEU A 325 -22.91 -1.73 26.06
N GLU A 326 -23.88 -1.81 26.96
CA GLU A 326 -23.62 -2.38 28.28
C GLU A 326 -23.15 -3.82 28.15
N LEU A 327 -22.06 -4.14 28.82
CA LEU A 327 -21.54 -5.50 28.83
C LEU A 327 -22.16 -6.28 29.98
N PRO A 328 -22.86 -7.38 29.72
CA PRO A 328 -23.51 -8.12 30.80
C PRO A 328 -22.49 -8.87 31.63
N PRO A 329 -22.79 -9.17 32.89
CA PRO A 329 -21.90 -10.04 33.67
C PRO A 329 -21.90 -11.46 33.11
N ILE A 330 -20.75 -12.11 33.22
CA ILE A 330 -20.57 -13.46 32.69
C ILE A 330 -19.90 -14.33 33.74
N SER A 331 -20.07 -15.64 33.58
CA SER A 331 -19.55 -16.61 34.53
C SER A 331 -18.15 -17.04 34.12
N ARG A 332 -17.61 -18.05 34.81
CA ARG A 332 -16.29 -18.57 34.47
C ARG A 332 -16.27 -19.13 33.06
N LYS A 333 -17.31 -19.87 32.68
CA LYS A 333 -17.39 -20.54 31.39
C LYS A 333 -17.85 -19.63 30.27
N GLY A 334 -18.05 -18.33 30.54
CA GLY A 334 -18.52 -17.41 29.54
C GLY A 334 -20.04 -17.33 29.42
N ASP A 335 -20.78 -18.08 30.21
CA ASP A 335 -22.22 -18.02 30.18
C ASP A 335 -22.72 -16.75 30.86
N LEU A 336 -23.93 -16.34 30.50
CA LEU A 336 -24.55 -15.19 31.14
C LEU A 336 -24.99 -15.56 32.54
N ASP A 337 -24.51 -14.83 33.54
CA ASP A 337 -24.82 -15.08 34.95
C ASP A 337 -25.17 -13.74 35.59
N ARG A 338 -26.46 -13.38 35.53
CA ARG A 338 -26.90 -12.12 36.11
C ARG A 338 -26.87 -12.15 37.64
N ALA A 339 -26.83 -13.33 38.24
CA ALA A 339 -26.86 -13.46 39.70
C ALA A 339 -25.46 -13.36 40.31
N SER A 340 -24.49 -14.08 39.76
CA SER A 340 -23.15 -14.13 40.32
C SER A 340 -22.06 -13.81 39.28
N GLY A 341 -22.44 -13.32 38.10
CA GLY A 341 -21.45 -13.00 37.10
C GLY A 341 -20.74 -11.69 37.40
N LEU A 342 -19.61 -11.49 36.71
CA LEU A 342 -18.80 -10.30 36.86
C LEU A 342 -18.57 -9.65 35.50
N GLU A 343 -18.61 -8.32 35.48
CA GLU A 343 -18.30 -7.59 34.26
C GLU A 343 -16.79 -7.57 34.00
N THR A 344 -15.99 -7.59 35.06
CA THR A 344 -14.54 -7.54 34.90
C THR A 344 -14.01 -8.68 34.03
N ARG A 345 -14.73 -9.79 33.98
CA ARG A 345 -14.28 -10.90 33.15
C ARG A 345 -14.10 -10.48 31.70
N TRP A 346 -14.85 -9.47 31.25
CA TRP A 346 -14.68 -8.99 29.88
C TRP A 346 -13.25 -8.52 29.65
N ASP A 347 -12.69 -7.78 30.61
CA ASP A 347 -11.29 -7.40 30.50
C ASP A 347 -10.42 -8.63 30.28
N VAL A 348 -10.67 -9.69 31.06
CA VAL A 348 -9.90 -10.92 30.90
C VAL A 348 -9.99 -11.39 29.45
N ILE A 349 -11.20 -11.38 28.89
CA ILE A 349 -11.37 -11.81 27.51
C ILE A 349 -10.46 -10.99 26.60
N LEU A 350 -10.43 -9.68 26.80
CA LEU A 350 -9.54 -8.84 26.01
C LEU A 350 -8.10 -9.31 26.16
N LEU A 351 -7.67 -9.55 27.40
CA LEU A 351 -6.33 -10.05 27.62
C LEU A 351 -6.08 -11.31 26.81
N LEU A 352 -7.07 -12.20 26.77
CA LEU A 352 -6.90 -13.43 26.00
C LEU A 352 -6.65 -13.11 24.53
N GLU A 353 -7.42 -12.17 23.97
CA GLU A 353 -7.20 -11.82 22.56
C GLU A 353 -5.80 -11.26 22.35
N CYS A 354 -5.21 -10.65 23.37
CA CYS A 354 -3.83 -10.18 23.26
C CYS A 354 -2.85 -11.33 23.35
N LEU A 355 -3.13 -12.32 24.19
CA LEU A 355 -2.20 -13.44 24.37
C LEU A 355 -2.24 -14.41 23.20
N ASP A 356 -3.34 -14.44 22.44
CA ASP A 356 -3.48 -15.36 21.32
C ASP A 356 -2.79 -14.77 20.10
N SER A 357 -1.69 -15.39 19.69
CA SER A 357 -0.95 -14.90 18.53
C SER A 357 -1.65 -15.21 17.21
N THR A 358 -2.55 -16.20 17.20
CA THR A 358 -3.29 -16.53 15.98
C THR A 358 -4.42 -15.54 15.71
N ARG A 359 -4.90 -14.83 16.72
CA ARG A 359 -5.90 -13.78 16.55
C ARG A 359 -7.12 -14.30 15.79
N VAL A 360 -7.61 -15.48 16.20
CA VAL A 360 -8.82 -16.02 15.59
C VAL A 360 -10.02 -15.15 15.92
N SER A 361 -9.98 -14.44 17.06
CA SER A 361 -11.06 -13.54 17.40
C SER A 361 -11.28 -12.50 16.31
N GLN A 362 -10.24 -12.15 15.57
CA GLN A 362 -10.41 -11.22 14.45
C GLN A 362 -11.26 -11.84 13.35
N ALA A 363 -11.02 -13.11 13.02
CA ALA A 363 -11.85 -13.78 12.03
C ALA A 363 -13.29 -13.86 12.51
N VAL A 364 -13.49 -14.20 13.79
CA VAL A 364 -14.85 -14.27 14.32
C VAL A 364 -15.52 -12.91 14.25
N ALA A 365 -14.76 -11.84 14.57
CA ALA A 365 -15.32 -10.50 14.52
C ALA A 365 -15.71 -10.10 13.10
N GLN A 366 -14.88 -10.44 12.12
CA GLN A 366 -15.22 -10.12 10.73
C GLN A 366 -16.48 -10.86 10.31
N HIS A 367 -16.58 -12.14 10.65
CA HIS A 367 -17.78 -12.90 10.28
C HIS A 367 -19.01 -12.34 10.99
N PHE A 368 -18.85 -11.92 12.25
CA PHE A 368 -19.99 -11.36 12.97
C PHE A 368 -20.41 -10.02 12.39
N ASN A 369 -19.44 -9.22 11.91
CA ASN A 369 -19.79 -7.99 11.22
C ASN A 369 -20.60 -8.29 9.96
N ARG A 370 -20.15 -9.26 9.18
CA ARG A 370 -20.92 -9.67 8.00
C ARG A 370 -22.31 -10.12 8.39
N HIS A 371 -22.42 -10.89 9.47
CA HIS A 371 -23.70 -11.40 9.95
C HIS A 371 -24.63 -10.24 10.31
N ARG A 372 -24.11 -9.26 11.06
CA ARG A 372 -24.95 -8.14 11.49
C ARG A 372 -25.40 -7.30 10.31
N LEU A 373 -24.53 -7.12 9.32
CA LEU A 373 -24.88 -6.29 8.16
C LEU A 373 -25.68 -7.05 7.11
N ALA A 374 -25.89 -8.35 7.27
CA ALA A 374 -26.48 -9.17 6.23
C ALA A 374 -27.99 -9.30 6.38
N LEU A 375 -28.68 -9.34 5.24
CA LEU A 375 -30.11 -9.66 5.19
C LEU A 375 -30.37 -11.09 4.76
N SER A 376 -29.62 -11.60 3.79
CA SER A 376 -29.73 -12.98 3.33
C SER A 376 -28.34 -13.52 3.05
N VAL A 377 -28.13 -14.79 3.40
CA VAL A 377 -26.84 -15.44 3.24
C VAL A 377 -27.06 -16.82 2.61
N CYS A 378 -25.98 -17.36 2.05
CA CYS A 378 -26.06 -18.68 1.43
C CYS A 378 -26.39 -19.74 2.48
N LYS A 379 -27.22 -20.70 2.08
CA LYS A 379 -27.67 -21.72 3.01
C LYS A 379 -26.54 -22.69 3.34
N ASP A 380 -26.35 -22.96 4.62
CA ASP A 380 -25.42 -23.96 5.15
C ASP A 380 -23.97 -23.60 4.94
N GLU A 381 -23.66 -22.49 4.27
CA GLU A 381 -22.28 -22.10 4.01
C GLU A 381 -21.84 -20.91 4.85
N PHE A 382 -22.71 -19.91 5.03
CA PHE A 382 -22.36 -18.77 5.87
C PHE A 382 -22.12 -19.22 7.31
N ARG A 383 -22.95 -20.14 7.81
CA ARG A 383 -22.79 -20.62 9.18
C ARG A 383 -21.44 -21.28 9.38
N LYS A 384 -20.97 -22.04 8.38
CA LYS A 384 -19.68 -22.71 8.50
C LYS A 384 -18.54 -21.72 8.74
N GLY A 385 -18.73 -20.46 8.40
CA GLY A 385 -17.70 -19.46 8.66
C GLY A 385 -17.40 -19.29 10.13
N TYR A 386 -18.31 -19.71 11.01
CA TYR A 386 -18.05 -19.67 12.45
C TYR A 386 -17.27 -20.87 12.96
N GLN A 387 -17.11 -21.91 12.15
CA GLN A 387 -16.35 -23.10 12.54
C GLN A 387 -14.91 -22.91 12.12
N LEU A 388 -14.06 -22.52 13.07
CA LEU A 388 -12.66 -22.21 12.80
C LEU A 388 -11.71 -23.08 13.61
N ALA A 389 -12.18 -24.16 14.22
CA ALA A 389 -11.30 -25.00 15.01
C ALA A 389 -10.19 -25.60 14.15
N SER A 390 -10.54 -26.04 12.93
CA SER A 390 -9.54 -26.62 12.05
C SER A 390 -8.45 -25.62 11.67
N GLU A 391 -8.75 -24.33 11.71
CA GLU A 391 -7.78 -23.31 11.31
C GLU A 391 -6.75 -23.01 12.39
N ILE A 392 -6.97 -23.44 13.63
CA ILE A 392 -6.10 -23.11 14.74
C ILE A 392 -5.76 -24.38 15.52
N ARG A 393 -4.71 -24.28 16.34
CA ARG A 393 -4.31 -25.37 17.21
C ARG A 393 -3.60 -24.78 18.42
N GLY A 394 -4.00 -25.24 19.61
CA GLY A 394 -3.39 -24.76 20.84
C GLY A 394 -4.42 -24.39 21.89
N THR A 395 -4.00 -24.33 23.15
CA THR A 395 -4.93 -24.00 24.23
C THR A 395 -5.41 -22.55 24.11
N ILE A 396 -4.49 -21.61 23.96
CA ILE A 396 -4.82 -20.19 23.97
C ILE A 396 -5.67 -19.85 22.76
N PRO A 397 -5.29 -20.24 21.54
CA PRO A 397 -6.17 -19.96 20.39
C PRO A 397 -7.54 -20.58 20.51
N LEU A 398 -7.63 -21.80 21.02
CA LEU A 398 -8.92 -22.45 21.16
C LEU A 398 -9.79 -21.70 22.16
N SER A 399 -9.22 -21.30 23.30
CA SER A 399 -9.98 -20.52 24.27
C SER A 399 -10.43 -19.19 23.68
N SER A 400 -9.54 -18.55 22.90
CA SER A 400 -9.91 -17.28 22.29
C SER A 400 -11.08 -17.45 21.33
N LEU A 401 -11.06 -18.50 20.50
CA LEU A 401 -12.17 -18.76 19.61
C LEU A 401 -13.45 -19.03 20.38
N TYR A 402 -13.36 -19.84 21.43
CA TYR A 402 -14.55 -20.17 22.21
C TYR A 402 -15.16 -18.93 22.83
N TYR A 403 -14.33 -18.04 23.38
CA TYR A 403 -14.85 -16.86 24.03
C TYR A 403 -15.32 -15.81 23.02
N SER A 404 -14.75 -15.79 21.81
CA SER A 404 -15.32 -14.95 20.76
C SER A 404 -16.73 -15.42 20.40
N LEU A 405 -16.91 -16.74 20.25
CA LEU A 405 -18.25 -17.27 19.98
C LEU A 405 -19.19 -16.98 21.13
N CYS A 406 -18.70 -17.10 22.37
CA CYS A 406 -19.52 -16.77 23.52
C CYS A 406 -19.92 -15.30 23.51
N ALA A 407 -19.01 -14.41 23.11
CA ALA A 407 -19.33 -13.00 23.00
C ALA A 407 -20.41 -12.76 21.96
N VAL A 408 -20.31 -13.46 20.82
CA VAL A 408 -21.35 -13.32 19.79
C VAL A 408 -22.70 -13.78 20.34
N ARG A 409 -22.71 -14.92 21.03
CA ARG A 409 -23.95 -15.43 21.61
C ARG A 409 -24.52 -14.45 22.64
N LEU A 410 -23.66 -13.89 23.48
CA LEU A 410 -24.12 -12.93 24.48
C LEU A 410 -24.69 -11.68 23.84
N ARG A 411 -24.04 -11.18 22.78
CA ARG A 411 -24.55 -10.01 22.09
C ARG A 411 -25.94 -10.30 21.50
N MET A 412 -26.11 -11.48 20.90
CA MET A 412 -27.42 -11.83 20.38
C MET A 412 -28.45 -11.92 21.50
N THR A 413 -28.07 -12.50 22.63
CA THR A 413 -29.02 -12.72 23.72
C THR A 413 -29.46 -11.40 24.36
N VAL A 414 -28.50 -10.54 24.68
CA VAL A 414 -28.78 -9.39 25.54
C VAL A 414 -29.23 -8.17 24.73
N HIS A 415 -28.65 -7.96 23.54
CA HIS A 415 -28.97 -6.81 22.70
C HIS A 415 -29.26 -7.31 21.28
N PRO A 416 -30.41 -7.94 21.07
CA PRO A 416 -30.72 -8.48 19.74
C PRO A 416 -30.71 -7.39 18.68
N PHE A 417 -30.27 -7.76 17.49
CA PHE A 417 -30.22 -6.82 16.36
C PHE A 417 -31.14 -7.30 15.24
N MET B 1 -15.76 -7.95 23.02
CA MET B 1 -15.88 -6.46 23.14
C MET B 1 -16.27 -5.86 21.79
N TRP B 2 -15.64 -6.37 20.73
CA TRP B 2 -16.04 -5.99 19.38
C TRP B 2 -17.48 -6.40 19.07
N ALA B 3 -18.00 -7.42 19.77
CA ALA B 3 -19.35 -7.89 19.50
C ALA B 3 -20.40 -6.91 20.01
N PHE B 4 -20.10 -6.16 21.05
CA PHE B 4 -21.06 -5.27 21.69
C PHE B 4 -20.94 -3.83 21.20
N GLN B 5 -20.22 -3.60 20.11
CA GLN B 5 -20.20 -2.28 19.50
C GLN B 5 -21.55 -1.96 18.89
N GLU B 6 -22.04 -0.74 19.14
CA GLU B 6 -23.35 -0.36 18.62
C GLU B 6 -23.32 -0.26 17.10
N GLY B 7 -22.22 0.19 16.52
CA GLY B 7 -22.05 0.31 15.10
C GLY B 7 -21.39 -0.90 14.48
N VAL B 8 -20.63 -0.66 13.42
CA VAL B 8 -19.91 -1.70 12.69
C VAL B 8 -18.46 -1.71 13.16
N CYS B 9 -17.95 -2.90 13.47
CA CYS B 9 -16.58 -3.04 13.94
C CYS B 9 -16.00 -4.34 13.40
N LYS B 10 -14.84 -4.24 12.75
CA LYS B 10 -14.14 -5.41 12.22
C LYS B 10 -13.13 -5.98 13.21
N GLY B 11 -12.96 -5.37 14.37
CA GLY B 11 -12.01 -5.86 15.35
C GLY B 11 -10.57 -5.77 14.90
N ASN B 12 -10.17 -4.62 14.35
CA ASN B 12 -8.81 -4.40 13.88
C ASN B 12 -7.92 -3.74 14.92
N LEU B 13 -8.38 -3.60 16.17
CA LEU B 13 -7.61 -2.89 17.18
C LEU B 13 -6.36 -3.64 17.62
N LEU B 14 -6.20 -4.90 17.25
CA LEU B 14 -5.02 -5.69 17.57
C LEU B 14 -4.23 -5.98 16.30
N SER B 15 -2.99 -6.44 16.49
CA SER B 15 -2.15 -6.80 15.37
C SER B 15 -2.64 -8.10 14.74
N GLY B 16 -2.20 -8.33 13.50
CA GLY B 16 -2.57 -9.52 12.78
C GLY B 16 -1.84 -10.74 13.30
N PRO B 17 -2.22 -11.92 12.81
CA PRO B 17 -1.58 -13.15 13.28
C PRO B 17 -0.16 -13.28 12.76
N THR B 18 0.62 -14.09 13.46
CA THR B 18 2.00 -14.34 13.08
C THR B 18 2.47 -15.62 13.73
N SER B 19 3.53 -16.19 13.16
CA SER B 19 4.15 -17.42 13.68
C SER B 19 5.39 -17.69 12.83
N MET B 20 6.17 -18.66 13.27
CA MET B 20 7.37 -19.11 12.55
C MET B 20 7.10 -20.38 11.76
N LYS B 21 5.84 -20.75 11.56
CA LYS B 21 5.52 -21.95 10.80
C LYS B 21 6.13 -21.86 9.40
N ALA B 22 6.66 -22.98 8.92
CA ALA B 22 7.24 -23.03 7.60
C ALA B 22 6.14 -22.88 6.53
N PRO B 23 6.45 -22.26 5.40
CA PRO B 23 5.44 -22.04 4.37
C PRO B 23 5.18 -23.25 3.47
N ASP B 24 5.70 -24.42 3.81
CA ASP B 24 5.56 -25.58 2.93
C ASP B 24 4.13 -26.06 2.84
N SER B 25 3.47 -26.22 3.99
CA SER B 25 2.14 -26.82 4.01
C SER B 25 1.13 -25.94 3.28
N ALA B 26 1.17 -24.63 3.50
CA ALA B 26 0.22 -23.74 2.84
C ALA B 26 0.40 -23.76 1.32
N ALA B 27 1.65 -23.70 0.87
CA ALA B 27 1.90 -23.75 -0.58
C ALA B 27 1.45 -25.07 -1.17
N ARG B 28 1.71 -26.18 -0.47
CA ARG B 28 1.27 -27.48 -0.97
C ARG B 28 -0.25 -27.54 -1.05
N GLU B 29 -0.94 -27.01 -0.05
CA GLU B 29 -2.40 -26.99 -0.08
C GLU B 29 -2.91 -26.16 -1.24
N SER B 30 -2.30 -25.00 -1.49
CA SER B 30 -2.73 -24.17 -2.60
C SER B 30 -2.51 -24.89 -3.94
N ILE B 31 -1.36 -25.55 -4.09
CA ILE B 31 -1.09 -26.28 -5.32
C ILE B 31 -2.09 -27.41 -5.52
N ASP B 32 -2.40 -28.14 -4.44
CA ASP B 32 -3.38 -29.22 -4.53
C ASP B 32 -4.75 -28.68 -4.91
N ARG B 33 -5.14 -27.55 -4.35
CA ARG B 33 -6.43 -26.96 -4.71
C ARG B 33 -6.45 -26.57 -6.19
N ALA B 34 -5.37 -25.95 -6.67
CA ALA B 34 -5.32 -25.57 -8.08
C ALA B 34 -5.42 -26.81 -8.97
N SER B 35 -4.72 -27.89 -8.59
CA SER B 35 -4.81 -29.12 -9.36
C SER B 35 -6.23 -29.67 -9.36
N GLU B 36 -6.90 -29.65 -8.21
CA GLU B 36 -8.26 -30.16 -8.14
C GLU B 36 -9.20 -29.36 -9.03
N ILE B 37 -9.06 -28.03 -9.02
CA ILE B 37 -9.87 -27.21 -9.91
C ILE B 37 -9.55 -27.53 -11.37
N MET B 38 -8.29 -27.85 -11.66
CA MET B 38 -7.94 -28.20 -13.04
C MET B 38 -8.70 -29.42 -13.52
N THR B 39 -9.15 -30.28 -12.61
CA THR B 39 -9.88 -31.48 -12.99
C THR B 39 -11.37 -31.24 -13.19
N GLY B 40 -11.85 -30.02 -12.96
CA GLY B 40 -13.26 -29.72 -13.13
C GLY B 40 -14.16 -30.44 -12.14
N LYS B 41 -13.74 -30.54 -10.89
CA LYS B 41 -14.52 -31.20 -9.85
C LYS B 41 -14.82 -30.33 -8.65
N SER B 42 -14.12 -29.20 -8.47
CA SER B 42 -14.31 -28.33 -7.32
C SER B 42 -14.89 -26.97 -7.73
N TYR B 43 -14.22 -26.26 -8.64
CA TYR B 43 -14.67 -24.94 -9.06
C TYR B 43 -14.39 -24.78 -10.55
N ASN B 44 -15.14 -23.88 -11.17
CA ASN B 44 -14.95 -23.62 -12.60
C ASN B 44 -13.67 -22.83 -12.83
N ALA B 45 -12.94 -23.21 -13.88
CA ALA B 45 -11.76 -22.49 -14.32
C ALA B 45 -11.74 -22.23 -15.82
N VAL B 46 -12.83 -22.57 -16.51
CA VAL B 46 -12.94 -22.36 -17.95
C VAL B 46 -13.73 -21.07 -18.17
N HIS B 47 -13.12 -20.10 -18.84
CA HIS B 47 -13.76 -18.81 -19.08
C HIS B 47 -14.63 -18.91 -20.33
N THR B 48 -15.90 -18.56 -20.17
CA THR B 48 -16.88 -18.65 -21.25
C THR B 48 -17.37 -17.29 -21.75
N GLY B 49 -17.31 -16.26 -20.91
CA GLY B 49 -17.81 -14.96 -21.31
C GLY B 49 -17.06 -14.40 -22.50
N ASP B 50 -17.67 -13.40 -23.13
CA ASP B 50 -17.13 -12.75 -24.31
C ASP B 50 -16.41 -11.48 -23.90
N LEU B 51 -15.20 -11.29 -24.41
CA LEU B 51 -14.37 -10.13 -24.10
C LEU B 51 -14.09 -9.31 -25.35
N SER B 52 -15.07 -9.23 -26.26
CA SER B 52 -14.87 -8.47 -27.49
C SER B 52 -14.92 -6.97 -27.25
N LYS B 53 -15.66 -6.53 -26.23
CA LYS B 53 -15.81 -5.09 -26.00
C LYS B 53 -14.52 -4.44 -25.54
N LEU B 54 -13.57 -5.21 -25.03
CA LEU B 54 -12.34 -4.63 -24.50
C LEU B 54 -11.54 -3.99 -25.61
N PRO B 55 -11.02 -2.77 -25.42
CA PRO B 55 -10.21 -2.14 -26.46
C PRO B 55 -8.87 -2.85 -26.64
N ASN B 56 -8.29 -2.67 -27.81
CA ASN B 56 -7.01 -3.27 -28.16
C ASN B 56 -5.91 -2.23 -28.00
N GLN B 57 -4.91 -2.54 -27.20
CA GLN B 57 -3.76 -1.67 -26.98
C GLN B 57 -2.51 -2.18 -27.70
N GLY B 58 -2.69 -3.01 -28.72
CA GLY B 58 -1.53 -3.57 -29.40
C GLY B 58 -0.65 -2.52 -30.05
N GLU B 59 -1.25 -1.42 -30.49
CA GLU B 59 -0.51 -0.35 -31.15
C GLU B 59 0.20 0.58 -30.17
N SER B 60 -0.07 0.45 -28.88
CA SER B 60 0.57 1.34 -27.91
C SER B 60 2.06 1.06 -27.84
N PRO B 61 2.90 2.08 -27.67
CA PRO B 61 4.34 1.83 -27.56
C PRO B 61 4.66 1.02 -26.32
N LEU B 62 5.71 0.22 -26.41
CA LEU B 62 6.15 -0.63 -25.30
C LEU B 62 7.00 0.21 -24.35
N ARG B 63 6.45 0.54 -23.20
CA ARG B 63 7.13 1.37 -22.21
C ARG B 63 7.25 0.61 -20.90
N ILE B 64 8.40 0.77 -20.25
CA ILE B 64 8.71 0.09 -19.00
C ILE B 64 9.18 1.12 -17.98
N VAL B 65 8.67 1.02 -16.76
CA VAL B 65 9.05 1.91 -15.67
C VAL B 65 10.13 1.20 -14.86
N ASP B 66 11.36 1.72 -14.94
CA ASP B 66 12.49 1.04 -14.31
C ASP B 66 12.34 0.99 -12.79
N SER B 67 11.78 2.03 -12.18
CA SER B 67 11.73 2.10 -10.73
C SER B 67 10.99 0.92 -10.14
N ASP B 68 9.87 0.52 -10.75
CA ASP B 68 9.10 -0.60 -10.24
C ASP B 68 9.85 -1.92 -10.35
N LEU B 69 10.87 -1.99 -11.20
CA LEU B 69 11.60 -3.22 -11.43
C LEU B 69 12.70 -3.47 -10.40
N TYR B 70 13.05 -2.46 -9.60
CA TYR B 70 14.05 -2.60 -8.54
C TYR B 70 13.39 -2.31 -7.21
N SER B 71 13.62 -3.18 -6.23
CA SER B 71 13.10 -2.97 -4.90
C SER B 71 13.88 -3.82 -3.91
N GLU B 72 13.79 -3.45 -2.64
CA GLU B 72 14.38 -4.26 -1.58
C GLU B 72 13.52 -5.48 -1.24
N ARG B 73 12.45 -5.72 -1.98
CA ARG B 73 11.61 -6.88 -1.74
C ARG B 73 12.24 -8.13 -2.36
N SER B 74 11.84 -9.28 -1.83
CA SER B 74 12.47 -10.53 -2.19
C SER B 74 12.08 -10.96 -3.61
N CYS B 75 12.95 -11.79 -4.19
CA CYS B 75 12.72 -12.37 -5.51
C CYS B 75 13.56 -13.64 -5.61
N CYS B 76 13.23 -14.45 -6.62
CA CYS B 76 13.89 -15.73 -6.86
C CYS B 76 14.82 -15.60 -8.07
N TRP B 77 16.04 -16.07 -7.92
CA TRP B 77 17.02 -16.08 -9.00
C TRP B 77 17.46 -17.52 -9.25
N VAL B 78 17.46 -17.94 -10.51
CA VAL B 78 17.76 -19.31 -10.88
C VAL B 78 19.16 -19.35 -11.49
N ILE B 79 19.97 -20.31 -11.05
CA ILE B 79 21.30 -20.54 -11.61
C ILE B 79 21.46 -22.03 -11.88
N GLU B 80 22.41 -22.35 -12.75
CA GLU B 80 22.75 -23.72 -13.12
C GLU B 80 24.16 -24.02 -12.59
N LYS B 81 24.24 -24.96 -11.65
CA LYS B 81 25.55 -25.33 -11.10
C LYS B 81 26.29 -26.27 -12.04
N GLU B 82 25.73 -27.47 -12.27
CA GLU B 82 26.35 -28.44 -13.17
C GLU B 82 25.31 -29.13 -14.04
N GLY B 83 24.08 -28.63 -14.08
CA GLY B 83 23.03 -29.27 -14.82
C GLY B 83 21.70 -29.20 -14.09
N ARG B 84 21.77 -29.05 -12.76
CA ARG B 84 20.59 -28.90 -11.94
C ARG B 84 20.30 -27.41 -11.70
N VAL B 85 19.09 -27.14 -11.23
CA VAL B 85 18.61 -25.77 -11.03
C VAL B 85 18.71 -25.43 -9.55
N VAL B 86 19.24 -24.24 -9.25
CA VAL B 86 19.34 -23.74 -7.89
C VAL B 86 18.59 -22.41 -7.82
N CYS B 87 17.66 -22.30 -6.88
CA CYS B 87 16.86 -21.10 -6.68
C CYS B 87 17.33 -20.38 -5.44
N LYS B 88 17.72 -19.12 -5.59
CA LYS B 88 18.27 -18.31 -4.51
C LYS B 88 17.34 -17.15 -4.23
N SER B 89 17.13 -16.86 -2.95
CA SER B 89 16.31 -15.73 -2.52
C SER B 89 17.21 -14.50 -2.45
N THR B 90 16.97 -13.54 -3.35
CA THR B 90 17.73 -12.29 -3.34
C THR B 90 16.75 -11.13 -3.25
N THR B 91 17.24 -9.91 -3.37
CA THR B 91 16.36 -8.75 -3.51
C THR B 91 16.08 -8.53 -4.99
N LEU B 92 14.90 -7.97 -5.27
CA LEU B 92 14.51 -7.75 -6.66
C LEU B 92 15.56 -6.96 -7.42
N THR B 93 16.19 -6.00 -6.75
CA THR B 93 17.24 -5.21 -7.39
C THR B 93 18.42 -6.10 -7.79
N ARG B 94 18.85 -6.97 -6.88
CA ARG B 94 19.95 -7.87 -7.19
C ARG B 94 19.56 -8.86 -8.29
N GLY B 95 18.32 -9.36 -8.25
CA GLY B 95 17.88 -10.25 -9.31
C GLY B 95 17.88 -9.58 -10.67
N MET B 96 17.38 -8.35 -10.74
CA MET B 96 17.38 -7.63 -12.01
C MET B 96 18.80 -7.35 -12.49
N THR B 97 19.70 -6.99 -11.55
CA THR B 97 21.09 -6.77 -11.93
C THR B 97 21.71 -8.04 -12.48
N SER B 98 21.44 -9.18 -11.83
CA SER B 98 21.96 -10.45 -12.32
C SER B 98 21.42 -10.78 -13.70
N LEU B 99 20.12 -10.55 -13.91
CA LEU B 99 19.53 -10.82 -15.22
C LEU B 99 20.16 -9.96 -16.30
N LEU B 100 20.35 -8.67 -16.02
CA LEU B 100 20.97 -7.78 -16.99
C LEU B 100 22.41 -8.18 -17.27
N ASN B 101 23.15 -8.58 -16.23
CA ASN B 101 24.52 -9.04 -16.43
C ASN B 101 24.55 -10.28 -17.31
N THR B 102 23.64 -11.23 -17.06
CA THR B 102 23.58 -12.43 -17.88
C THR B 102 23.25 -12.10 -19.33
N THR B 103 22.28 -11.22 -19.55
CA THR B 103 21.88 -10.84 -20.89
C THR B 103 22.71 -9.70 -21.48
N LYS B 104 23.59 -9.08 -20.69
CA LYS B 104 24.43 -7.99 -21.17
C LYS B 104 23.58 -6.86 -21.74
N CYS B 105 22.51 -6.51 -21.04
CA CYS B 105 21.62 -5.43 -21.44
C CYS B 105 21.74 -4.28 -20.45
N SER B 106 21.93 -3.07 -20.97
CA SER B 106 22.11 -1.91 -20.09
C SER B 106 20.86 -1.64 -19.27
N SER B 107 19.69 -1.71 -19.88
CA SER B 107 18.44 -1.40 -19.20
C SER B 107 17.40 -2.47 -19.51
N PRO B 108 16.40 -2.66 -18.63
CA PRO B 108 15.38 -3.68 -18.90
C PRO B 108 14.61 -3.46 -20.19
N SER B 109 14.36 -2.20 -20.57
CA SER B 109 13.67 -1.95 -21.84
C SER B 109 14.48 -2.48 -23.01
N GLU B 110 15.80 -2.28 -22.97
CA GLU B 110 16.66 -2.88 -23.98
C GLU B 110 16.54 -4.40 -23.98
N LEU B 111 16.42 -5.00 -22.78
CA LEU B 111 16.27 -6.45 -22.70
C LEU B 111 15.00 -6.90 -23.38
N ILE B 112 13.88 -6.21 -23.12
CA ILE B 112 12.62 -6.59 -23.76
C ILE B 112 12.70 -6.42 -25.26
N CYS B 113 13.29 -5.31 -25.72
CA CYS B 113 13.42 -5.10 -27.16
C CYS B 113 14.25 -6.21 -27.80
N LYS B 114 15.34 -6.61 -27.15
CA LYS B 114 16.16 -7.68 -27.69
C LYS B 114 15.43 -9.01 -27.69
N VAL B 115 14.67 -9.29 -26.62
CA VAL B 115 13.99 -10.58 -26.51
C VAL B 115 12.88 -10.69 -27.56
N LEU B 116 12.18 -9.59 -27.83
CA LEU B 116 11.07 -9.64 -28.76
C LEU B 116 11.53 -9.73 -30.21
N THR B 117 12.81 -9.47 -30.50
CA THR B 117 13.28 -9.42 -31.87
C THR B 117 14.42 -10.42 -32.11
N VAL B 118 14.28 -11.64 -31.63
CA VAL B 118 15.22 -12.71 -31.90
C VAL B 118 14.63 -13.64 -32.94
N GLU B 119 15.44 -14.02 -33.92
CA GLU B 119 14.95 -14.85 -35.02
C GLU B 119 14.51 -16.24 -34.57
N SER B 120 14.93 -16.68 -33.38
CA SER B 120 14.55 -18.00 -32.91
C SER B 120 14.75 -18.06 -31.40
N LEU B 121 14.19 -19.11 -30.80
CA LEU B 121 14.38 -19.33 -29.36
C LEU B 121 15.82 -19.71 -29.04
N SER B 122 16.49 -20.40 -29.96
CA SER B 122 17.86 -20.82 -29.73
C SER B 122 18.87 -19.69 -29.84
N GLU B 123 18.48 -18.54 -30.38
CA GLU B 123 19.40 -17.42 -30.51
C GLU B 123 19.86 -16.96 -29.14
N LYS B 124 21.10 -16.48 -29.08
CA LYS B 124 21.74 -16.13 -27.82
C LYS B 124 21.62 -14.63 -27.57
N ILE B 125 21.03 -14.27 -26.44
CA ILE B 125 21.00 -12.89 -25.96
C ILE B 125 22.00 -12.83 -24.82
N GLY B 126 23.19 -12.29 -25.09
CA GLY B 126 24.25 -12.30 -24.11
C GLY B 126 24.74 -13.70 -23.81
N ASP B 127 24.62 -14.13 -22.56
CA ASP B 127 25.03 -15.46 -22.14
C ASP B 127 23.85 -16.41 -21.95
N THR B 128 22.71 -16.11 -22.57
CA THR B 128 21.51 -16.94 -22.43
C THR B 128 20.72 -16.86 -23.73
N SER B 129 19.55 -17.49 -23.71
CA SER B 129 18.64 -17.49 -24.86
C SER B 129 17.22 -17.41 -24.35
N VAL B 130 16.30 -17.06 -25.26
CA VAL B 130 14.90 -16.90 -24.87
C VAL B 130 14.35 -18.22 -24.34
N GLU B 131 14.76 -19.34 -24.92
CA GLU B 131 14.33 -20.63 -24.40
C GLU B 131 14.80 -20.83 -22.97
N GLU B 132 16.07 -20.53 -22.70
CA GLU B 132 16.59 -20.66 -21.34
C GLU B 132 15.91 -19.67 -20.40
N LEU B 133 15.65 -18.45 -20.87
CA LEU B 133 14.94 -17.47 -20.04
C LEU B 133 13.55 -17.98 -19.67
N LEU B 134 12.83 -18.53 -20.64
CA LEU B 134 11.50 -19.06 -20.37
C LEU B 134 11.56 -20.24 -19.40
N SER B 135 12.56 -21.12 -19.58
CA SER B 135 12.70 -22.25 -18.68
C SER B 135 12.98 -21.79 -17.25
N HIS B 136 13.84 -20.78 -17.10
CA HIS B 136 14.22 -20.32 -15.77
C HIS B 136 13.13 -19.49 -15.10
N GLY B 137 12.38 -18.70 -15.87
CA GLY B 137 11.40 -17.80 -15.30
C GLY B 137 10.15 -18.45 -14.78
N ARG B 138 10.03 -19.78 -14.90
CA ARG B 138 8.86 -20.50 -14.41
C ARG B 138 9.05 -21.03 -13.00
N TYR B 139 10.17 -20.72 -12.35
CA TYR B 139 10.47 -21.21 -11.02
C TYR B 139 10.04 -20.18 -9.98
N PHE B 140 9.38 -20.66 -8.93
CA PHE B 140 8.91 -19.81 -7.85
C PHE B 140 9.36 -20.36 -6.51
N LYS B 141 9.54 -19.47 -5.54
CA LYS B 141 9.86 -19.85 -4.18
C LYS B 141 8.70 -19.50 -3.26
N CYS B 142 8.46 -20.35 -2.26
CA CYS B 142 7.31 -20.19 -1.38
C CYS B 142 7.72 -19.50 -0.08
N ALA B 143 6.91 -18.53 0.34
CA ALA B 143 7.09 -17.87 1.62
C ALA B 143 5.72 -17.69 2.25
N LEU B 144 5.71 -17.30 3.53
CA LEU B 144 4.47 -17.16 4.29
C LEU B 144 4.10 -15.69 4.44
N ARG B 145 2.87 -15.36 4.07
CA ARG B 145 2.34 -14.00 4.23
C ARG B 145 1.54 -13.98 5.52
N ASP B 146 2.10 -13.35 6.55
CA ASP B 146 1.51 -13.30 7.88
C ASP B 146 0.97 -11.91 8.16
N GLN B 147 0.50 -11.70 9.39
CA GLN B 147 -0.04 -10.41 9.82
C GLN B 147 -1.21 -9.98 8.93
N GLU B 148 -2.03 -10.95 8.54
CA GLU B 148 -3.25 -10.70 7.79
C GLU B 148 -4.43 -10.93 8.73
N ARG B 149 -5.08 -9.84 9.14
CA ARG B 149 -6.15 -9.94 10.13
C ARG B 149 -7.27 -10.84 9.61
N GLY B 150 -7.80 -11.68 10.50
CA GLY B 150 -8.87 -12.58 10.15
C GLY B 150 -8.44 -13.89 9.52
N LYS B 151 -7.14 -14.17 9.48
CA LYS B 151 -6.60 -15.38 8.85
C LYS B 151 -5.71 -16.08 9.86
N PRO B 152 -6.29 -16.86 10.77
CA PRO B 152 -5.46 -17.55 11.77
C PRO B 152 -4.40 -18.44 11.14
N LYS B 153 -4.73 -19.10 10.03
CA LYS B 153 -3.78 -19.92 9.28
C LYS B 153 -3.23 -19.07 8.15
N SER B 154 -1.95 -18.74 8.23
CA SER B 154 -1.35 -17.82 7.27
C SER B 154 -1.35 -18.43 5.87
N ARG B 155 -1.50 -17.55 4.88
CA ARG B 155 -1.48 -17.96 3.49
C ARG B 155 -0.04 -17.93 2.95
N ALA B 156 0.15 -18.52 1.77
CA ALA B 156 1.46 -18.64 1.15
C ALA B 156 1.53 -17.71 -0.05
N ILE B 157 2.62 -16.95 -0.13
CA ILE B 157 2.90 -16.10 -1.27
C ILE B 157 4.15 -16.63 -1.96
N PHE B 158 4.43 -16.11 -3.15
CA PHE B 158 5.45 -16.67 -4.01
C PHE B 158 6.36 -15.59 -4.57
N LEU B 159 7.66 -15.87 -4.53
CA LEU B 159 8.69 -15.03 -5.10
C LEU B 159 9.02 -15.56 -6.49
N SER B 160 9.00 -14.68 -7.48
CA SER B 160 9.11 -15.04 -8.89
C SER B 160 10.47 -14.62 -9.43
N HIS B 161 10.68 -14.93 -10.71
CA HIS B 161 11.93 -14.63 -11.40
C HIS B 161 11.90 -13.19 -11.92
N PRO B 162 13.07 -12.55 -12.04
CA PRO B 162 13.10 -11.20 -12.62
C PRO B 162 12.47 -11.10 -14.01
N PHE B 163 12.67 -12.11 -14.85
CA PHE B 163 12.04 -12.09 -16.18
C PHE B 163 10.52 -12.12 -16.08
N PHE B 164 10.01 -13.01 -15.21
CA PHE B 164 8.57 -13.04 -14.97
C PHE B 164 8.08 -11.71 -14.43
N ARG B 165 8.84 -11.11 -13.51
CA ARG B 165 8.46 -9.81 -12.97
C ARG B 165 8.40 -8.76 -14.07
N LEU B 166 9.36 -8.77 -14.97
CA LEU B 166 9.39 -7.79 -16.07
C LEU B 166 8.15 -7.91 -16.93
N LEU B 167 7.87 -9.13 -17.42
CA LEU B 167 6.71 -9.31 -18.28
C LEU B 167 5.42 -8.99 -17.54
N SER B 168 5.31 -9.42 -16.28
CA SER B 168 4.12 -9.17 -15.49
C SER B 168 3.91 -7.67 -15.28
N SER B 169 4.98 -6.93 -15.02
CA SER B 169 4.85 -5.49 -14.85
C SER B 169 4.32 -4.83 -16.11
N VAL B 170 4.87 -5.22 -17.28
CA VAL B 170 4.39 -4.63 -18.52
C VAL B 170 2.90 -4.92 -18.71
N VAL B 171 2.53 -6.19 -18.58
CA VAL B 171 1.16 -6.59 -18.89
C VAL B 171 0.20 -5.99 -17.87
N GLU B 172 0.61 -5.88 -16.61
CA GLU B 172 -0.28 -5.33 -15.59
C GLU B 172 -0.45 -3.83 -15.76
N THR B 173 0.61 -3.11 -16.16
CA THR B 173 0.44 -1.70 -16.49
C THR B 173 -0.61 -1.53 -17.58
N HIS B 174 -0.48 -2.32 -18.66
CA HIS B 174 -1.44 -2.17 -19.75
C HIS B 174 -2.85 -2.59 -19.34
N ALA B 175 -2.95 -3.63 -18.49
CA ALA B 175 -4.26 -4.06 -18.02
C ALA B 175 -4.92 -2.99 -17.15
N ARG B 176 -4.13 -2.34 -16.30
CA ARG B 176 -4.68 -1.24 -15.50
C ARG B 176 -5.15 -0.10 -16.39
N SER B 177 -4.39 0.21 -17.44
CA SER B 177 -4.83 1.23 -18.38
C SER B 177 -6.17 0.84 -19.02
N VAL B 178 -6.30 -0.42 -19.44
CA VAL B 178 -7.53 -0.87 -20.07
C VAL B 178 -8.69 -0.80 -19.09
N LEU B 179 -8.45 -1.17 -17.83
CA LEU B 179 -9.49 -1.06 -16.82
C LEU B 179 -9.94 0.39 -16.66
N SER B 180 -8.99 1.31 -16.52
CA SER B 180 -9.35 2.71 -16.37
C SER B 180 -10.14 3.21 -17.58
N LYS B 181 -9.84 2.67 -18.77
CA LYS B 181 -10.61 3.06 -19.95
C LYS B 181 -12.01 2.46 -19.94
N VAL B 182 -12.17 1.25 -19.39
CA VAL B 182 -13.46 0.59 -19.45
C VAL B 182 -14.49 1.31 -18.60
N SER B 183 -14.13 1.64 -17.35
CA SER B 183 -15.04 2.30 -16.43
C SER B 183 -14.28 3.37 -15.65
N ALA B 184 -14.93 4.51 -15.45
CA ALA B 184 -14.31 5.62 -14.74
C ALA B 184 -14.15 5.35 -13.25
N VAL B 185 -14.76 4.27 -12.73
CA VAL B 185 -14.58 3.93 -11.32
C VAL B 185 -13.18 3.42 -11.03
N TYR B 186 -12.41 3.08 -12.07
CA TYR B 186 -11.08 2.52 -11.91
C TYR B 186 -9.98 3.54 -12.21
N THR B 187 -10.20 4.79 -11.82
CA THR B 187 -9.18 5.81 -12.01
C THR B 187 -7.96 5.49 -11.15
N ALA B 188 -6.80 5.95 -11.62
CA ALA B 188 -5.57 5.76 -10.84
C ALA B 188 -5.68 6.44 -9.48
N THR B 189 -6.28 7.63 -9.44
CA THR B 189 -6.45 8.38 -8.20
C THR B 189 -7.85 8.09 -7.66
N ALA B 190 -7.95 7.12 -6.76
CA ALA B 190 -9.22 6.80 -6.13
C ALA B 190 -8.94 6.03 -4.84
N SER B 191 -9.31 6.60 -3.71
CA SER B 191 -9.13 5.92 -2.43
C SER B 191 -10.19 4.83 -2.26
N ALA B 192 -9.98 4.01 -1.24
CA ALA B 192 -10.97 2.98 -0.93
C ALA B 192 -12.31 3.60 -0.58
N GLU B 193 -12.29 4.66 0.25
CA GLU B 193 -13.53 5.34 0.59
C GLU B 193 -14.17 5.99 -0.63
N GLN B 194 -13.35 6.61 -1.49
CA GLN B 194 -13.89 7.24 -2.69
C GLN B 194 -14.53 6.20 -3.61
N ARG B 195 -13.85 5.08 -3.81
CA ARG B 195 -14.41 4.02 -4.64
C ARG B 195 -15.69 3.47 -4.02
N ALA B 196 -15.71 3.34 -2.69
CA ALA B 196 -16.90 2.85 -2.02
C ALA B 196 -18.08 3.81 -2.20
N MET B 197 -17.83 5.11 -2.10
CA MET B 197 -18.89 6.09 -2.31
C MET B 197 -19.41 6.04 -3.74
N MET B 198 -18.49 5.94 -4.71
CA MET B 198 -18.92 5.87 -6.10
C MET B 198 -19.75 4.62 -6.35
N ALA B 199 -19.35 3.49 -5.76
CA ALA B 199 -20.13 2.27 -5.87
C ALA B 199 -21.49 2.43 -5.21
N ALA B 200 -21.53 3.09 -4.07
CA ALA B 200 -22.79 3.33 -3.39
C ALA B 200 -23.76 4.09 -4.28
N GLN B 201 -23.26 5.12 -4.96
CA GLN B 201 -24.13 5.84 -5.89
C GLN B 201 -24.54 4.95 -7.06
N VAL B 202 -23.60 4.19 -7.62
CA VAL B 202 -23.93 3.34 -8.76
C VAL B 202 -25.01 2.34 -8.41
N VAL B 203 -25.07 1.93 -7.14
CA VAL B 203 -25.98 0.86 -6.72
C VAL B 203 -27.28 1.38 -6.10
N GLU B 204 -27.41 2.70 -5.91
CA GLU B 204 -28.55 3.22 -5.17
C GLU B 204 -29.88 3.01 -5.90
N SER B 205 -29.83 2.68 -7.19
CA SER B 205 -31.06 2.64 -7.99
C SER B 205 -31.92 1.43 -7.64
N ARG B 206 -31.29 0.30 -7.34
CA ARG B 206 -32.00 -0.96 -7.14
C ARG B 206 -32.19 -1.22 -5.64
N LYS B 207 -32.87 -2.32 -5.33
CA LYS B 207 -33.32 -2.60 -3.97
C LYS B 207 -32.32 -3.44 -3.18
N HIS B 208 -31.88 -4.57 -3.73
CA HIS B 208 -30.97 -5.47 -3.04
C HIS B 208 -29.55 -5.28 -3.54
N VAL B 209 -28.59 -5.36 -2.63
CA VAL B 209 -27.17 -5.22 -2.94
C VAL B 209 -26.48 -6.52 -2.58
N LEU B 210 -25.81 -7.13 -3.54
CA LEU B 210 -25.02 -8.32 -3.32
C LEU B 210 -23.56 -7.92 -3.15
N ASN B 211 -23.01 -8.18 -1.97
CA ASN B 211 -21.61 -7.97 -1.66
C ASN B 211 -20.94 -9.33 -1.67
N GLY B 212 -20.01 -9.54 -2.59
CA GLY B 212 -19.46 -10.86 -2.83
C GLY B 212 -17.95 -10.87 -2.79
N ASP B 213 -17.42 -12.00 -2.33
CA ASP B 213 -16.02 -12.34 -2.45
C ASP B 213 -15.92 -13.63 -3.24
N CYS B 214 -14.77 -13.84 -3.89
CA CYS B 214 -14.55 -15.05 -4.68
C CYS B 214 -13.65 -15.99 -3.91
N THR B 215 -14.05 -17.25 -3.81
CA THR B 215 -13.31 -18.25 -3.06
C THR B 215 -12.20 -18.83 -3.94
N LYS B 216 -11.02 -18.99 -3.35
CA LYS B 216 -9.85 -19.53 -4.04
C LYS B 216 -9.63 -18.78 -5.36
N TYR B 217 -9.52 -17.46 -5.25
CA TYR B 217 -9.47 -16.62 -6.45
C TYR B 217 -8.24 -16.92 -7.30
N ASN B 218 -7.07 -17.06 -6.67
CA ASN B 218 -5.85 -17.23 -7.44
C ASN B 218 -5.84 -18.56 -8.19
N GLU B 219 -6.34 -19.62 -7.55
CA GLU B 219 -6.28 -20.95 -8.15
C GLU B 219 -7.27 -21.12 -9.30
N ALA B 220 -8.34 -20.34 -9.33
CA ALA B 220 -9.37 -20.50 -10.36
C ALA B 220 -9.10 -19.68 -11.61
N ILE B 221 -8.09 -18.82 -11.60
CA ILE B 221 -7.72 -18.03 -12.78
C ILE B 221 -6.64 -18.81 -13.50
N ASP B 222 -7.03 -19.51 -14.57
CA ASP B 222 -6.11 -20.36 -15.30
C ASP B 222 -5.30 -19.55 -16.30
N ALA B 223 -4.24 -20.16 -16.81
CA ALA B 223 -3.41 -19.51 -17.83
C ALA B 223 -4.21 -19.22 -19.09
N ASP B 224 -5.19 -20.06 -19.40
CA ASP B 224 -6.01 -19.83 -20.59
C ASP B 224 -6.81 -18.55 -20.46
N THR B 225 -7.38 -18.28 -19.28
CA THR B 225 -8.12 -17.04 -19.07
C THR B 225 -7.20 -15.83 -19.21
N LEU B 226 -6.00 -15.90 -18.64
CA LEU B 226 -5.05 -14.80 -18.76
C LEU B 226 -4.69 -14.56 -20.21
N LEU B 227 -4.43 -15.64 -20.97
CA LEU B 227 -4.10 -15.49 -22.38
C LEU B 227 -5.27 -14.91 -23.16
N LYS B 228 -6.49 -15.32 -22.83
CA LYS B 228 -7.67 -14.76 -23.49
C LYS B 228 -7.76 -13.27 -23.26
N VAL B 229 -7.60 -12.84 -22.01
CA VAL B 229 -7.69 -11.41 -21.70
C VAL B 229 -6.57 -10.64 -22.41
N TRP B 230 -5.36 -11.19 -22.38
CA TRP B 230 -4.22 -10.47 -22.97
C TRP B 230 -4.36 -10.38 -24.48
N ASP B 231 -4.89 -11.43 -25.12
CA ASP B 231 -5.18 -11.34 -26.55
C ASP B 231 -6.26 -10.31 -26.81
N ALA B 232 -7.28 -10.25 -25.94
CA ALA B 232 -8.35 -9.28 -26.12
C ALA B 232 -7.81 -7.86 -26.08
N ILE B 233 -6.90 -7.58 -25.14
CA ILE B 233 -6.37 -6.23 -24.99
C ILE B 233 -5.12 -6.06 -25.84
N GLY B 234 -4.80 -7.07 -26.65
CA GLY B 234 -3.71 -6.95 -27.61
C GLY B 234 -2.34 -6.88 -26.99
N MET B 235 -1.88 -7.98 -26.39
CA MET B 235 -0.57 -8.03 -25.75
C MET B 235 0.49 -8.69 -26.62
N GLY B 236 0.13 -9.23 -27.78
CA GLY B 236 1.13 -9.82 -28.64
C GLY B 236 1.81 -11.01 -28.00
N SER B 237 3.11 -11.15 -28.30
CA SER B 237 3.87 -12.30 -27.83
C SER B 237 4.22 -12.21 -26.35
N ILE B 238 4.15 -11.02 -25.76
CA ILE B 238 4.41 -10.91 -24.32
C ILE B 238 3.40 -11.74 -23.54
N GLY B 239 2.12 -11.62 -23.91
CA GLY B 239 1.09 -12.40 -23.23
C GLY B 239 1.28 -13.89 -23.45
N VAL B 240 1.68 -14.29 -24.67
CA VAL B 240 1.91 -15.70 -24.94
C VAL B 240 3.05 -16.23 -24.07
N MET B 241 4.14 -15.48 -23.97
CA MET B 241 5.26 -15.90 -23.14
C MET B 241 4.85 -16.01 -21.68
N LEU B 242 4.09 -15.02 -21.20
CA LEU B 242 3.66 -15.05 -19.80
C LEU B 242 2.75 -16.24 -19.53
N ALA B 243 1.82 -16.52 -20.45
CA ALA B 243 0.92 -17.65 -20.26
C ALA B 243 1.69 -18.96 -20.31
N TYR B 244 2.68 -19.06 -21.21
CA TYR B 244 3.49 -20.27 -21.29
C TYR B 244 4.26 -20.49 -19.99
N MET B 245 4.83 -19.42 -19.43
CA MET B 245 5.56 -19.57 -18.17
C MET B 245 4.62 -19.92 -17.03
N VAL B 246 3.42 -19.33 -17.02
CA VAL B 246 2.47 -19.60 -15.95
C VAL B 246 1.98 -21.05 -16.01
N ARG B 247 1.74 -21.56 -17.22
CA ARG B 247 1.24 -22.92 -17.35
C ARG B 247 2.26 -23.93 -16.86
N ARG B 248 3.54 -23.67 -17.10
CA ARG B 248 4.62 -24.58 -16.75
C ARG B 248 5.28 -24.24 -15.42
N LYS B 249 4.66 -23.36 -14.62
CA LYS B 249 5.31 -22.87 -13.42
C LYS B 249 5.59 -24.02 -12.45
N CYS B 250 6.75 -23.94 -11.79
CA CYS B 250 7.17 -24.90 -10.79
C CYS B 250 7.49 -24.15 -9.50
N VAL B 251 7.02 -24.65 -8.37
CA VAL B 251 7.18 -24.01 -7.08
C VAL B 251 8.18 -24.83 -6.26
N LEU B 252 9.15 -24.15 -5.67
CA LEU B 252 10.16 -24.81 -4.83
C LEU B 252 9.60 -24.88 -3.41
N ILE B 253 9.09 -26.05 -3.03
CA ILE B 253 8.61 -26.31 -1.68
C ILE B 253 9.74 -26.98 -0.91
N LYS B 254 10.25 -26.29 0.11
CA LYS B 254 11.36 -26.82 0.89
C LYS B 254 12.57 -27.06 -0.01
N ASP B 255 12.73 -28.29 -0.52
CA ASP B 255 13.85 -28.61 -1.40
C ASP B 255 13.40 -29.41 -2.62
N THR B 256 12.11 -29.41 -2.93
CA THR B 256 11.57 -30.16 -4.05
C THR B 256 10.75 -29.25 -4.94
N LEU B 257 10.88 -29.43 -6.25
CA LEU B 257 10.11 -28.66 -7.22
C LEU B 257 8.79 -29.38 -7.51
N VAL B 258 7.68 -28.66 -7.36
CA VAL B 258 6.35 -29.20 -7.53
C VAL B 258 5.67 -28.44 -8.66
N GLU B 259 5.08 -29.19 -9.60
CA GLU B 259 4.41 -28.57 -10.73
C GLU B 259 3.03 -28.07 -10.32
N CYS B 260 2.68 -26.87 -10.78
CA CYS B 260 1.39 -26.24 -10.48
C CYS B 260 0.82 -25.69 -11.77
N PRO B 261 0.27 -26.55 -12.63
CA PRO B 261 -0.22 -26.08 -13.93
C PRO B 261 -1.32 -25.03 -13.84
N GLY B 262 -2.21 -25.12 -12.85
CA GLY B 262 -3.35 -24.24 -12.76
C GLY B 262 -3.18 -23.12 -11.76
N GLY B 263 -3.79 -21.98 -12.07
CA GLY B 263 -3.77 -20.83 -11.19
C GLY B 263 -2.76 -19.78 -11.62
N MET B 264 -2.68 -18.72 -10.82
CA MET B 264 -1.74 -17.62 -11.07
C MET B 264 -0.91 -17.28 -9.85
N LEU B 265 -0.94 -18.10 -8.79
CA LEU B 265 -0.04 -17.98 -7.65
C LEU B 265 -0.17 -16.63 -6.94
N MET B 266 -1.36 -16.43 -6.37
CA MET B 266 -1.58 -15.41 -5.34
C MET B 266 -1.24 -14.00 -5.85
N GLY B 267 -2.04 -13.56 -6.81
CA GLY B 267 -2.06 -12.15 -7.15
C GLY B 267 -0.93 -11.67 -8.04
N MET B 268 -0.34 -12.56 -8.83
CA MET B 268 0.63 -12.10 -9.83
C MET B 268 -0.02 -11.17 -10.84
N PHE B 269 -1.30 -11.41 -11.14
CA PHE B 269 -2.06 -10.60 -12.10
C PHE B 269 -3.42 -10.27 -11.48
N ASN B 270 -3.56 -9.04 -11.00
CA ASN B 270 -4.83 -8.59 -10.44
C ASN B 270 -5.67 -7.84 -11.47
N ALA B 271 -5.05 -6.97 -12.25
CA ALA B 271 -5.79 -6.24 -13.28
C ALA B 271 -6.34 -7.17 -14.34
N THR B 272 -5.54 -8.16 -14.76
CA THR B 272 -6.02 -9.11 -15.75
C THR B 272 -7.18 -9.94 -15.21
N ALA B 273 -7.06 -10.41 -13.97
CA ALA B 273 -8.15 -11.18 -13.37
C ALA B 273 -9.41 -10.34 -13.26
N THR B 274 -9.26 -9.06 -12.90
CA THR B 274 -10.42 -8.17 -12.86
C THR B 274 -11.04 -8.01 -14.24
N LEU B 275 -10.19 -7.81 -15.26
CA LEU B 275 -10.71 -7.66 -16.62
C LEU B 275 -11.42 -8.91 -17.09
N ALA B 276 -11.03 -10.08 -16.56
CA ALA B 276 -11.71 -11.31 -16.94
C ALA B 276 -13.21 -11.21 -16.73
N LEU B 277 -13.64 -10.48 -15.70
CA LEU B 277 -15.06 -10.25 -15.43
C LEU B 277 -15.55 -8.92 -15.98
N GLN B 278 -14.83 -7.82 -15.70
CA GLN B 278 -15.28 -6.51 -16.13
C GLN B 278 -15.40 -6.41 -17.65
N GLY B 279 -14.67 -7.25 -18.39
CA GLY B 279 -14.76 -7.24 -19.83
C GLY B 279 -15.94 -7.98 -20.40
N THR B 280 -16.69 -8.72 -19.58
CA THR B 280 -17.84 -9.47 -20.04
C THR B 280 -19.17 -8.80 -19.71
N THR B 281 -19.21 -7.93 -18.69
CA THR B 281 -20.45 -7.27 -18.30
C THR B 281 -20.10 -5.94 -17.65
N ASP B 282 -21.12 -5.09 -17.53
CA ASP B 282 -20.96 -3.77 -16.95
C ASP B 282 -21.67 -3.61 -15.61
N ARG B 283 -22.50 -4.58 -15.21
CA ARG B 283 -23.24 -4.48 -13.95
C ARG B 283 -22.47 -5.19 -12.82
N PHE B 284 -21.25 -4.72 -12.62
CA PHE B 284 -20.39 -5.23 -11.55
C PHE B 284 -19.37 -4.16 -11.22
N LEU B 285 -19.11 -3.95 -9.93
CA LEU B 285 -17.99 -3.13 -9.48
C LEU B 285 -17.07 -4.03 -8.70
N SER B 286 -15.93 -4.38 -9.30
CA SER B 286 -15.06 -5.42 -8.78
C SER B 286 -13.63 -4.92 -8.70
N PHE B 287 -12.93 -5.34 -7.63
CA PHE B 287 -11.51 -5.11 -7.47
C PHE B 287 -10.89 -6.42 -7.02
N SER B 288 -9.94 -6.93 -7.80
CA SER B 288 -9.36 -8.24 -7.53
C SER B 288 -10.47 -9.28 -7.43
N ASP B 289 -10.80 -9.74 -6.21
CA ASP B 289 -11.84 -10.73 -6.02
C ASP B 289 -13.06 -10.21 -5.27
N ASP B 290 -13.01 -8.98 -4.75
CA ASP B 290 -14.13 -8.42 -4.01
C ASP B 290 -14.99 -7.60 -4.95
N PHE B 291 -16.27 -7.93 -5.05
CA PHE B 291 -17.16 -7.28 -6.01
C PHE B 291 -18.47 -6.92 -5.34
N ILE B 292 -19.18 -6.00 -5.96
CA ILE B 292 -20.49 -5.56 -5.50
C ILE B 292 -21.39 -5.38 -6.72
N THR B 293 -22.64 -5.77 -6.58
CA THR B 293 -23.64 -5.57 -7.63
C THR B 293 -24.99 -5.32 -6.99
N SER B 294 -25.97 -4.98 -7.81
CA SER B 294 -27.31 -4.65 -7.34
C SER B 294 -28.35 -5.33 -8.20
N PHE B 295 -29.50 -5.63 -7.60
CA PHE B 295 -30.58 -6.29 -8.33
C PHE B 295 -31.89 -6.01 -7.63
N ASN B 296 -32.98 -6.29 -8.35
CA ASN B 296 -34.34 -6.07 -7.88
C ASN B 296 -35.15 -7.35 -7.72
N SER B 297 -34.97 -8.32 -8.60
CA SER B 297 -35.78 -9.53 -8.63
C SER B 297 -34.90 -10.77 -8.70
N PRO B 298 -35.43 -11.94 -8.33
CA PRO B 298 -34.61 -13.16 -8.37
C PRO B 298 -34.05 -13.49 -9.74
N ALA B 299 -34.74 -13.11 -10.82
CA ALA B 299 -34.21 -13.35 -12.15
C ALA B 299 -32.90 -12.58 -12.36
N GLU B 300 -32.84 -11.34 -11.89
CA GLU B 300 -31.61 -10.58 -11.97
C GLU B 300 -30.50 -11.24 -11.15
N LEU B 301 -30.85 -11.80 -10.00
CA LEU B 301 -29.86 -12.51 -9.20
C LEU B 301 -29.33 -13.73 -9.95
N ARG B 302 -30.21 -14.47 -10.61
CA ARG B 302 -29.75 -15.62 -11.39
C ARG B 302 -28.85 -15.18 -12.53
N GLU B 303 -29.18 -14.07 -13.19
CA GLU B 303 -28.31 -13.55 -14.24
C GLU B 303 -26.95 -13.17 -13.67
N ILE B 304 -26.92 -12.55 -12.50
CA ILE B 304 -25.66 -12.18 -11.85
C ILE B 304 -24.82 -13.42 -11.57
N GLU B 305 -25.47 -14.46 -11.02
CA GLU B 305 -24.75 -15.70 -10.72
C GLU B 305 -24.21 -16.33 -12.00
N ASP B 306 -25.00 -16.34 -13.06
CA ASP B 306 -24.53 -16.92 -14.32
C ASP B 306 -23.34 -16.15 -14.86
N LEU B 307 -23.39 -14.82 -14.79
CA LEU B 307 -22.26 -14.01 -15.24
C LEU B 307 -21.00 -14.32 -14.42
N LEU B 308 -21.16 -14.40 -13.10
CA LEU B 308 -20.01 -14.71 -12.25
C LEU B 308 -19.41 -16.06 -12.60
N PHE B 309 -20.26 -17.08 -12.78
CA PHE B 309 -19.76 -18.40 -13.13
C PHE B 309 -19.06 -18.38 -14.48
N ALA B 310 -19.64 -17.69 -15.47
CA ALA B 310 -19.03 -17.65 -16.79
C ALA B 310 -17.71 -16.90 -16.80
N SER B 311 -17.52 -15.98 -15.85
CA SER B 311 -16.30 -15.18 -15.78
C SER B 311 -15.25 -15.80 -14.86
N CYS B 312 -15.47 -17.03 -14.39
CA CYS B 312 -14.50 -17.73 -13.53
C CYS B 312 -14.33 -17.02 -12.19
N HIS B 313 -15.32 -16.25 -11.76
CA HIS B 313 -15.33 -15.61 -10.45
C HIS B 313 -16.26 -16.43 -9.56
N ASN B 314 -15.72 -17.50 -8.99
CA ASN B 314 -16.50 -18.41 -8.17
C ASN B 314 -16.97 -17.69 -6.90
N LEU B 315 -18.27 -17.43 -6.82
CA LEU B 315 -18.82 -16.77 -5.65
C LEU B 315 -18.50 -17.56 -4.38
N SER B 316 -18.07 -16.84 -3.35
CA SER B 316 -17.78 -17.45 -2.05
C SER B 316 -19.09 -17.54 -1.27
N LEU B 317 -19.56 -18.76 -1.04
CA LEU B 317 -20.79 -18.96 -0.29
C LEU B 317 -20.60 -18.73 1.20
N LYS B 318 -19.37 -18.57 1.67
CA LYS B 318 -19.09 -18.39 3.08
C LYS B 318 -19.06 -16.93 3.51
N LYS B 319 -18.86 -16.00 2.57
CA LYS B 319 -18.70 -14.60 2.94
C LYS B 319 -19.67 -13.69 2.17
N SER B 320 -20.04 -14.09 0.95
CA SER B 320 -20.95 -13.28 0.16
C SER B 320 -22.31 -13.19 0.83
N TYR B 321 -22.92 -12.01 0.76
CA TYR B 321 -24.23 -11.83 1.39
C TYR B 321 -24.96 -10.67 0.74
N ILE B 322 -26.27 -10.63 0.99
CA ILE B 322 -27.17 -9.64 0.41
C ILE B 322 -27.64 -8.70 1.51
N SER B 323 -27.68 -7.41 1.21
CA SER B 323 -28.12 -6.38 2.14
C SER B 323 -29.08 -5.44 1.43
N VAL B 324 -29.74 -4.60 2.23
CA VAL B 324 -30.65 -3.60 1.68
C VAL B 324 -30.28 -2.22 2.22
N ALA B 325 -29.65 -2.17 3.39
CA ALA B 325 -29.34 -0.92 4.07
C ALA B 325 -27.87 -0.60 4.12
N SER B 326 -26.99 -1.55 3.80
CA SER B 326 -25.56 -1.37 3.90
C SER B 326 -24.89 -1.72 2.57
N LEU B 327 -23.69 -1.17 2.38
CA LEU B 327 -22.91 -1.38 1.16
C LEU B 327 -21.45 -1.53 1.57
N GLU B 328 -20.91 -2.73 1.40
CA GLU B 328 -19.57 -3.06 1.86
C GLU B 328 -18.68 -3.34 0.65
N ILE B 329 -17.57 -2.61 0.57
CA ILE B 329 -16.60 -2.82 -0.50
C ILE B 329 -15.26 -2.26 -0.06
N ASN B 330 -14.18 -2.98 -0.38
CA ASN B 330 -12.83 -2.58 -0.01
C ASN B 330 -12.68 -2.45 1.50
N SER B 331 -13.46 -3.23 2.25
CA SER B 331 -13.50 -3.23 3.70
C SER B 331 -14.23 -2.00 4.25
N CYS B 332 -14.64 -1.06 3.40
CA CYS B 332 -15.35 0.12 3.82
C CYS B 332 -16.85 -0.13 3.72
N THR B 333 -17.58 0.21 4.78
CA THR B 333 -19.03 0.04 4.85
C THR B 333 -19.69 1.41 4.85
N LEU B 334 -20.64 1.59 3.92
CA LEU B 334 -21.40 2.82 3.83
C LEU B 334 -22.88 2.49 3.88
N THR B 335 -23.69 3.53 4.05
CA THR B 335 -25.12 3.40 3.89
C THR B 335 -25.51 3.57 2.43
N ARG B 336 -26.75 3.19 2.11
CA ARG B 336 -27.21 3.33 0.73
C ARG B 336 -27.21 4.77 0.26
N ASP B 337 -27.18 5.74 1.17
CA ASP B 337 -27.16 7.15 0.82
C ASP B 337 -25.74 7.68 0.65
N GLY B 338 -24.73 6.84 0.78
CA GLY B 338 -23.35 7.25 0.61
C GLY B 338 -22.63 7.64 1.89
N ASP B 339 -23.35 7.74 3.00
CA ASP B 339 -22.73 8.12 4.26
C ASP B 339 -21.97 6.94 4.87
N LEU B 340 -20.96 7.27 5.67
CA LEU B 340 -20.19 6.25 6.37
C LEU B 340 -20.99 5.69 7.53
N ALA B 341 -21.04 4.37 7.63
CA ALA B 341 -21.77 3.73 8.73
C ALA B 341 -21.08 4.01 10.05
N THR B 342 -21.88 4.25 11.08
CA THR B 342 -21.35 4.57 12.40
C THR B 342 -20.64 3.37 13.00
N GLY B 343 -19.61 3.64 13.79
CA GLY B 343 -18.84 2.62 14.46
C GLY B 343 -17.36 2.74 14.15
N LEU B 344 -16.58 1.91 14.84
CA LEU B 344 -15.14 1.91 14.63
C LEU B 344 -14.79 1.56 13.20
N GLY B 345 -15.46 0.57 12.62
CA GLY B 345 -15.21 0.17 11.25
C GLY B 345 -13.88 -0.51 11.07
N CYS B 346 -12.99 0.11 10.28
CA CYS B 346 -11.68 -0.45 9.98
C CYS B 346 -10.58 0.19 10.82
N THR B 347 -10.93 0.97 11.84
CA THR B 347 -9.91 1.58 12.69
C THR B 347 -9.03 0.50 13.30
N ALA B 348 -7.72 0.70 13.21
CA ALA B 348 -6.74 -0.28 13.66
C ALA B 348 -5.84 0.35 14.72
N GLY B 349 -5.48 -0.45 15.72
CA GLY B 349 -4.61 0.03 16.77
C GLY B 349 -3.17 0.14 16.31
N VAL B 350 -2.38 0.85 17.11
CA VAL B 350 -0.96 1.07 16.84
C VAL B 350 -0.16 0.29 17.88
N PRO B 351 0.52 -0.77 17.50
CA PRO B 351 1.33 -1.51 18.48
C PRO B 351 2.60 -0.76 18.84
N PHE B 352 3.15 -1.10 20.00
CA PHE B 352 4.37 -0.47 20.50
C PHE B 352 5.56 -0.97 19.67
N ARG B 353 6.01 -0.17 18.72
CA ARG B 353 7.15 -0.50 17.89
C ARG B 353 8.15 0.65 17.88
N GLY B 354 8.38 1.24 19.05
CA GLY B 354 9.29 2.36 19.20
C GLY B 354 8.66 3.46 20.03
N PRO B 355 9.48 4.31 20.64
CA PRO B 355 8.92 5.36 21.50
C PRO B 355 8.33 6.53 20.72
N LEU B 356 8.96 6.89 19.60
CA LEU B 356 8.51 8.02 18.79
C LEU B 356 7.66 7.60 17.60
N VAL B 357 8.04 6.52 16.91
CA VAL B 357 7.27 6.08 15.75
C VAL B 357 5.86 5.66 16.16
N THR B 358 5.73 5.06 17.34
CA THR B 358 4.40 4.69 17.83
C THR B 358 3.52 5.92 17.99
N LEU B 359 4.07 7.00 18.54
CA LEU B 359 3.29 8.22 18.69
C LEU B 359 2.89 8.80 17.33
N LYS B 360 3.80 8.78 16.36
CA LYS B 360 3.47 9.27 15.03
C LYS B 360 2.35 8.45 14.40
N GLN B 361 2.44 7.13 14.51
CA GLN B 361 1.40 6.27 13.94
C GLN B 361 0.06 6.50 14.64
N THR B 362 0.08 6.66 15.95
CA THR B 362 -1.15 6.93 16.68
C THR B 362 -1.75 8.27 16.28
N ALA B 363 -0.89 9.27 16.07
CA ALA B 363 -1.37 10.58 15.63
C ALA B 363 -2.02 10.46 14.25
N ALA B 364 -1.40 9.72 13.34
CA ALA B 364 -1.99 9.53 12.02
C ALA B 364 -3.34 8.81 12.12
N MET B 365 -3.40 7.76 12.93
CA MET B 365 -4.65 7.00 13.07
C MET B 365 -5.76 7.87 13.64
N LEU B 366 -5.45 8.64 14.69
CA LEU B 366 -6.46 9.49 15.30
C LEU B 366 -6.88 10.61 14.36
N SER B 367 -5.94 11.15 13.58
CA SER B 367 -6.29 12.17 12.60
C SER B 367 -7.26 11.60 11.57
N GLY B 368 -6.97 10.41 11.06
CA GLY B 368 -7.88 9.78 10.13
C GLY B 368 -9.24 9.52 10.73
N ALA B 369 -9.27 9.08 11.99
CA ALA B 369 -10.55 8.78 12.64
C ALA B 369 -11.38 10.05 12.82
N VAL B 370 -10.77 11.13 13.31
CA VAL B 370 -11.53 12.34 13.59
C VAL B 370 -11.96 13.01 12.29
N ASP B 371 -11.09 13.01 11.27
CA ASP B 371 -11.43 13.69 10.03
C ASP B 371 -12.65 13.05 9.37
N SER B 372 -12.74 11.73 9.40
CA SER B 372 -13.85 11.02 8.79
C SER B 372 -15.08 10.93 9.67
N GLY B 373 -15.01 11.44 10.91
CA GLY B 373 -16.15 11.41 11.79
C GLY B 373 -16.34 10.14 12.57
N VAL B 374 -15.32 9.28 12.66
CA VAL B 374 -15.45 8.04 13.41
C VAL B 374 -15.69 8.34 14.88
N MET B 375 -14.94 9.29 15.43
CA MET B 375 -15.06 9.68 16.83
C MET B 375 -14.93 11.19 16.93
N PRO B 376 -15.42 11.78 18.02
CA PRO B 376 -15.24 13.23 18.22
C PRO B 376 -13.81 13.57 18.61
N PHE B 377 -13.49 14.85 18.49
CA PHE B 377 -12.11 15.30 18.66
C PHE B 377 -11.64 15.12 20.11
N HIS B 378 -12.50 15.42 21.08
CA HIS B 378 -12.09 15.30 22.47
C HIS B 378 -11.75 13.86 22.84
N SER B 379 -12.49 12.91 22.28
CA SER B 379 -12.15 11.50 22.48
C SER B 379 -10.76 11.21 21.91
N ALA B 380 -10.44 11.78 20.75
CA ALA B 380 -9.12 11.59 20.18
C ALA B 380 -8.04 12.18 21.08
N GLU B 381 -8.30 13.35 21.67
CA GLU B 381 -7.33 13.94 22.58
C GLU B 381 -7.10 13.04 23.79
N ARG B 382 -8.19 12.53 24.36
CA ARG B 382 -8.05 11.63 25.51
C ARG B 382 -7.25 10.39 25.14
N LEU B 383 -7.53 9.81 23.97
CA LEU B 383 -6.82 8.62 23.55
C LEU B 383 -5.34 8.91 23.31
N PHE B 384 -5.03 10.08 22.74
CA PHE B 384 -3.64 10.45 22.53
C PHE B 384 -2.91 10.59 23.85
N GLN B 385 -3.55 11.23 24.84
CA GLN B 385 -2.92 11.34 26.15
C GLN B 385 -2.68 9.97 26.77
N ILE B 386 -3.66 9.07 26.67
CA ILE B 386 -3.50 7.72 27.21
C ILE B 386 -2.34 7.02 26.51
N LYS B 387 -2.22 7.19 25.20
CA LYS B 387 -1.13 6.56 24.46
C LYS B 387 0.22 7.12 24.89
N GLN B 388 0.30 8.42 25.15
CA GLN B 388 1.55 8.97 25.66
C GLN B 388 1.90 8.37 27.02
N GLN B 389 0.89 8.20 27.88
CA GLN B 389 1.15 7.57 29.18
C GLN B 389 1.68 6.15 29.01
N GLU B 390 1.07 5.38 28.10
CA GLU B 390 1.52 4.01 27.89
C GLU B 390 2.92 3.97 27.29
N CYS B 391 3.22 4.89 26.37
CA CYS B 391 4.58 4.97 25.83
C CYS B 391 5.58 5.31 26.92
N ALA B 392 5.21 6.20 27.83
CA ALA B 392 6.07 6.50 28.96
C ALA B 392 6.31 5.26 29.81
N TYR B 393 5.26 4.48 30.04
CA TYR B 393 5.42 3.23 30.78
C TYR B 393 6.38 2.29 30.07
N ARG B 394 6.26 2.18 28.74
CA ARG B 394 7.07 1.20 28.01
C ARG B 394 8.53 1.62 27.88
N TYR B 395 8.79 2.88 27.52
CA TYR B 395 10.09 3.27 27.00
C TYR B 395 10.87 4.24 27.88
N ASN B 396 10.36 4.62 29.05
CA ASN B 396 11.06 5.57 29.92
C ASN B 396 12.04 4.83 30.83
N ASN B 397 13.04 4.22 30.19
CA ASN B 397 14.06 3.42 30.85
C ASN B 397 15.43 3.82 30.35
N PRO B 398 16.48 3.52 31.12
CA PRO B 398 17.84 3.85 30.65
C PRO B 398 18.20 3.17 29.34
N THR B 399 17.63 1.99 29.06
CA THR B 399 17.98 1.28 27.84
C THR B 399 17.60 2.06 26.59
N TYR B 400 16.65 2.99 26.70
CA TYR B 400 16.20 3.78 25.55
C TYR B 400 16.60 5.25 25.62
N THR B 401 16.85 5.78 26.81
CA THR B 401 17.16 7.20 26.93
C THR B 401 17.96 7.45 28.20
N THR B 402 18.97 8.31 28.10
CA THR B 402 19.72 8.80 29.25
C THR B 402 19.60 10.31 29.38
N ARG B 403 18.53 10.89 28.84
CA ARG B 403 18.30 12.33 28.87
C ARG B 403 17.14 12.65 29.81
N ASN B 404 17.11 13.91 30.25
CA ASN B 404 16.03 14.38 31.11
C ASN B 404 15.57 15.79 30.72
N GLU B 405 15.81 16.20 29.47
CA GLU B 405 15.41 17.54 29.05
C GLU B 405 13.91 17.72 29.19
N ASP B 406 13.52 18.94 29.59
CA ASP B 406 12.11 19.20 29.87
C ASP B 406 11.24 19.03 28.63
N PHE B 407 11.72 19.51 27.48
CA PHE B 407 10.89 19.51 26.27
C PHE B 407 10.72 18.12 25.67
N LEU B 408 11.47 17.13 26.13
CA LEU B 408 11.30 15.77 25.62
C LEU B 408 9.99 15.17 26.12
N PRO B 409 9.45 14.20 25.40
CA PRO B 409 8.28 13.47 25.91
C PRO B 409 8.63 12.68 27.15
N THR B 410 7.59 12.41 27.96
CA THR B 410 7.79 11.61 29.16
C THR B 410 8.37 10.25 28.85
N CYS B 411 8.16 9.73 27.63
CA CYS B 411 8.71 8.44 27.25
C CYS B 411 10.19 8.51 26.93
N LEU B 412 10.75 9.70 26.71
CA LEU B 412 12.17 9.88 26.47
C LEU B 412 12.85 10.63 27.61
N GLY B 413 12.36 10.42 28.84
CA GLY B 413 12.95 11.03 30.01
C GLY B 413 12.51 12.46 30.28
N GLY B 414 11.66 13.03 29.44
CA GLY B 414 11.21 14.40 29.63
C GLY B 414 10.00 14.48 30.54
N LYS B 415 9.33 15.63 30.48
CA LYS B 415 8.15 15.89 31.31
C LYS B 415 6.94 16.33 30.52
N THR B 416 7.12 16.89 29.32
CA THR B 416 5.99 17.41 28.55
C THR B 416 5.18 16.25 27.96
N VAL B 417 3.87 16.27 28.19
CA VAL B 417 2.94 15.37 27.53
C VAL B 417 2.03 16.24 26.68
N ILE B 418 2.30 16.27 25.37
CA ILE B 418 1.64 17.22 24.49
C ILE B 418 0.19 16.81 24.26
N SER B 419 -0.61 17.77 23.81
CA SER B 419 -2.00 17.55 23.47
C SER B 419 -2.13 17.33 21.96
N PHE B 420 -3.15 16.57 21.58
CA PHE B 420 -3.35 16.23 20.16
C PHE B 420 -3.52 17.50 19.33
N GLN B 421 -4.34 18.44 19.81
CA GLN B 421 -4.56 19.67 19.07
C GLN B 421 -3.28 20.49 18.94
N SER B 422 -2.50 20.57 20.02
CA SER B 422 -1.24 21.31 19.96
C SER B 422 -0.29 20.68 18.95
N LEU B 423 -0.18 19.35 18.96
CA LEU B 423 0.71 18.68 18.03
C LEU B 423 0.27 18.91 16.58
N LEU B 424 -1.02 18.72 16.31
CA LEU B 424 -1.51 18.88 14.95
C LEU B 424 -1.43 20.31 14.45
N THR B 425 -1.47 21.28 15.36
CA THR B 425 -1.42 22.70 14.99
C THR B 425 0.00 23.21 14.86
N TRP B 426 1.00 22.41 15.17
CA TRP B 426 2.41 22.81 15.15
C TRP B 426 2.73 23.79 16.27
N ASP B 427 1.94 23.76 17.35
CA ASP B 427 2.23 24.56 18.54
C ASP B 427 3.03 23.71 19.53
N CYS B 428 4.25 23.38 19.12
CA CYS B 428 5.07 22.43 19.86
C CYS B 428 6.54 22.76 19.66
N HIS B 429 7.35 22.21 20.56
CA HIS B 429 8.80 22.33 20.40
C HIS B 429 9.23 21.60 19.13
N PRO B 430 10.15 22.18 18.35
CA PRO B 430 10.55 21.53 17.08
C PRO B 430 10.82 20.05 17.21
N PHE B 431 11.27 19.57 18.37
CA PHE B 431 11.52 18.15 18.55
C PHE B 431 10.28 17.32 18.28
N TRP B 432 9.09 17.91 18.50
CA TRP B 432 7.85 17.19 18.28
C TRP B 432 7.42 17.16 16.82
N TYR B 433 8.10 17.90 15.94
CA TYR B 433 7.72 17.91 14.54
C TYR B 433 7.74 16.51 13.95
N GLN B 434 8.72 15.70 14.35
CA GLN B 434 8.81 14.33 13.83
C GLN B 434 7.59 13.51 14.21
N VAL B 435 6.96 13.82 15.35
CA VAL B 435 5.78 13.08 15.76
C VAL B 435 4.54 13.47 14.96
N HIS B 436 4.58 14.61 14.28
CA HIS B 436 3.47 14.99 13.43
C HIS B 436 3.34 13.99 12.28
N PRO B 437 2.12 13.62 11.88
CA PRO B 437 1.99 12.65 10.78
C PRO B 437 2.67 13.10 9.50
N ASP B 438 2.67 14.40 9.22
CA ASP B 438 3.30 14.93 8.02
C ASP B 438 4.72 15.44 8.26
N GLY B 439 5.24 15.27 9.48
CA GLY B 439 6.57 15.74 9.79
C GLY B 439 7.64 14.80 9.28
N PRO B 440 8.89 15.13 9.59
CA PRO B 440 10.00 14.29 9.16
C PRO B 440 10.03 12.97 9.93
N ASP B 441 10.79 12.02 9.37
CA ASP B 441 10.86 10.70 9.97
C ASP B 441 11.47 10.76 11.36
N THR B 442 10.97 9.90 12.24
CA THR B 442 11.43 9.88 13.62
C THR B 442 12.84 9.28 13.71
N ILE B 443 13.45 9.45 14.88
CA ILE B 443 14.80 8.91 15.10
C ILE B 443 14.79 7.40 14.94
N ASP B 444 13.81 6.73 15.56
CA ASP B 444 13.76 5.27 15.51
C ASP B 444 13.56 4.77 14.07
N GLN B 445 12.78 5.50 13.28
CA GLN B 445 12.58 5.09 11.89
C GLN B 445 13.90 5.10 11.12
N LYS B 446 14.69 6.18 11.28
CA LYS B 446 15.99 6.23 10.62
C LYS B 446 16.93 5.15 11.13
N VAL B 447 16.91 4.91 12.44
CA VAL B 447 17.76 3.87 13.00
C VAL B 447 17.43 2.51 12.38
N LEU B 448 16.14 2.19 12.33
CA LEU B 448 15.72 0.91 11.77
C LEU B 448 16.07 0.82 10.29
N SER B 449 15.89 1.92 9.55
CA SER B 449 16.21 1.89 8.12
C SER B 449 17.70 1.63 7.90
N VAL B 450 18.55 2.34 8.64
CA VAL B 450 19.99 2.18 8.44
C VAL B 450 20.43 0.79 8.87
N LEU B 451 19.85 0.26 9.95
CA LEU B 451 20.17 -1.10 10.35
C LEU B 451 19.73 -2.10 9.29
N ALA B 452 18.57 -1.87 8.69
CA ALA B 452 18.07 -2.78 7.65
C ALA B 452 18.98 -2.76 6.43
N SER B 453 19.50 -1.59 6.08
CA SER B 453 20.34 -1.50 4.88
C SER B 453 21.59 -2.37 4.98
N LYS B 454 21.97 -2.81 6.18
CA LYS B 454 23.18 -3.59 6.39
C LYS B 454 22.90 -5.08 6.56
N THR B 455 21.68 -5.53 6.26
CA THR B 455 21.36 -6.95 6.39
C THR B 455 22.07 -7.76 5.31
N ARG B 456 22.07 -9.08 5.50
CA ARG B 456 22.82 -9.95 4.60
C ARG B 456 22.31 -9.85 3.17
N ARG B 457 21.00 -9.83 2.98
CA ARG B 457 20.43 -9.82 1.64
C ARG B 457 20.54 -8.48 0.95
N ARG B 458 20.88 -7.41 1.67
CA ARG B 458 20.97 -6.07 1.09
C ARG B 458 22.33 -5.42 1.25
N ARG B 459 23.21 -5.94 2.11
CA ARG B 459 24.50 -5.31 2.32
C ARG B 459 25.32 -5.31 1.03
N THR B 460 26.08 -4.24 0.83
CA THR B 460 26.90 -4.11 -0.36
C THR B 460 28.10 -3.22 -0.05
N ARG B 461 29.22 -3.52 -0.71
CA ARG B 461 30.44 -2.73 -0.59
C ARG B 461 30.49 -1.57 -1.57
N LEU B 462 29.49 -1.45 -2.45
CA LEU B 462 29.52 -0.40 -3.46
C LEU B 462 29.52 0.97 -2.80
N GLU B 463 30.26 1.90 -3.42
CA GLU B 463 30.27 3.28 -2.95
C GLU B 463 28.91 3.91 -3.23
N ALA B 464 28.22 4.33 -2.16
CA ALA B 464 26.85 4.82 -2.30
C ALA B 464 26.83 6.12 -3.12
N LEU B 465 25.91 6.17 -4.08
CA LEU B 465 25.69 7.37 -4.89
C LEU B 465 24.42 8.03 -4.35
N SER B 466 24.59 8.83 -3.31
CA SER B 466 23.49 9.50 -2.63
C SER B 466 23.68 11.01 -2.72
N ASP B 467 22.62 11.74 -2.39
CA ASP B 467 22.61 13.20 -2.43
C ASP B 467 23.02 13.67 -3.83
N LEU B 468 22.17 13.34 -4.81
CA LEU B 468 22.42 13.71 -6.18
C LEU B 468 21.79 15.06 -6.50
N ASP B 469 22.38 15.74 -7.49
CA ASP B 469 21.78 16.96 -7.99
C ASP B 469 20.38 16.65 -8.53
N PRO B 470 19.38 17.50 -8.29
CA PRO B 470 18.02 17.16 -8.68
C PRO B 470 17.72 17.36 -10.16
N LEU B 471 18.72 17.67 -10.98
CA LEU B 471 18.54 17.80 -12.41
C LEU B 471 19.06 16.61 -13.21
N VAL B 472 19.96 15.82 -12.64
CA VAL B 472 20.50 14.64 -13.33
C VAL B 472 19.44 13.54 -13.30
N PRO B 473 19.02 13.01 -14.44
CA PRO B 473 17.99 11.95 -14.42
C PRO B 473 18.51 10.69 -13.75
N HIS B 474 17.61 9.99 -13.06
CA HIS B 474 17.95 8.72 -12.44
C HIS B 474 18.16 7.61 -13.45
N ARG B 475 17.79 7.85 -14.71
CA ARG B 475 17.84 6.85 -15.77
C ARG B 475 19.08 6.99 -16.65
N LEU B 476 19.97 7.92 -16.35
CA LEU B 476 21.20 8.12 -17.12
C LEU B 476 22.22 7.06 -16.78
N LEU B 477 23.07 6.74 -17.77
CA LEU B 477 24.10 5.73 -17.59
C LEU B 477 25.35 6.35 -16.96
N VAL B 478 26.00 5.58 -16.08
CA VAL B 478 27.20 6.06 -15.39
C VAL B 478 28.14 4.87 -15.17
N SER B 479 29.43 5.18 -15.06
CA SER B 479 30.48 4.21 -14.80
C SER B 479 31.13 4.48 -13.45
N GLU B 480 32.09 3.63 -13.09
CA GLU B 480 32.76 3.79 -11.81
C GLU B 480 33.50 5.13 -11.75
N SER B 481 34.17 5.51 -12.84
CA SER B 481 34.84 6.80 -12.89
C SER B 481 33.84 7.93 -12.68
N ASP B 482 32.68 7.84 -13.33
CA ASP B 482 31.66 8.88 -13.16
C ASP B 482 31.17 8.93 -11.72
N VAL B 483 30.92 7.77 -11.12
CA VAL B 483 30.45 7.76 -9.74
C VAL B 483 31.47 8.42 -8.83
N SER B 484 32.74 8.07 -8.99
CA SER B 484 33.79 8.69 -8.18
C SER B 484 33.84 10.19 -8.42
N LYS B 485 33.73 10.63 -9.66
CA LYS B 485 33.83 12.05 -9.96
C LYS B 485 32.71 12.83 -9.30
N ILE B 486 31.47 12.37 -9.46
CA ILE B 486 30.34 13.08 -8.87
C ILE B 486 30.42 13.04 -7.34
N ARG B 487 30.79 11.89 -6.76
CA ARG B 487 30.89 11.81 -5.31
C ARG B 487 31.95 12.78 -4.79
N ALA B 488 33.11 12.84 -5.45
CA ALA B 488 34.17 13.75 -5.02
C ALA B 488 33.73 15.19 -5.15
N ALA B 489 33.04 15.53 -6.25
CA ALA B 489 32.57 16.89 -6.42
C ALA B 489 31.59 17.28 -5.33
N ARG B 490 30.64 16.38 -5.01
CA ARG B 490 29.69 16.67 -3.96
C ARG B 490 30.37 16.85 -2.61
N GLN B 491 31.32 15.97 -2.29
CA GLN B 491 32.03 16.09 -1.02
C GLN B 491 32.82 17.39 -0.94
N ALA B 492 33.50 17.75 -2.04
CA ALA B 492 34.27 18.99 -2.04
C ALA B 492 33.36 20.21 -1.87
N HIS B 493 32.22 20.22 -2.55
CA HIS B 493 31.29 21.34 -2.41
C HIS B 493 30.74 21.41 -0.98
N LEU B 494 30.43 20.25 -0.39
CA LEU B 494 29.96 20.25 0.99
C LEU B 494 31.02 20.80 1.94
N LYS B 495 32.27 20.40 1.75
CA LYS B 495 33.34 20.90 2.61
C LYS B 495 33.54 22.41 2.47
N SER B 496 33.22 22.97 1.30
CA SER B 496 33.40 24.40 1.08
C SER B 496 32.44 25.26 1.88
N LEU B 497 31.35 24.67 2.40
CA LEU B 497 30.39 25.41 3.20
C LEU B 497 30.35 24.97 4.65
N GLY B 498 31.16 23.99 5.05
CA GLY B 498 31.26 23.60 6.44
C GLY B 498 30.22 22.57 6.86
N LEU B 499 30.18 21.44 6.17
CA LEU B 499 29.30 20.35 6.56
C LEU B 499 29.96 19.03 6.20
N GLU B 500 29.56 17.97 6.91
CA GLU B 500 30.00 16.61 6.62
C GLU B 500 28.87 15.69 6.19
N GLN B 501 27.64 15.97 6.61
CA GLN B 501 26.45 15.24 6.17
C GLN B 501 25.42 16.22 5.66
N PRO B 502 24.58 15.81 4.70
CA PRO B 502 23.58 16.74 4.16
C PRO B 502 22.48 17.01 5.18
N THR B 503 21.85 18.18 5.04
CA THR B 503 20.78 18.58 5.94
C THR B 503 19.47 17.92 5.49
N ASN B 504 18.80 17.26 6.43
CA ASN B 504 17.53 16.60 6.12
C ASN B 504 16.51 17.63 5.68
N PHE B 505 15.82 17.35 4.58
CA PHE B 505 14.85 18.26 3.99
C PHE B 505 13.45 17.74 4.24
N ASN B 506 12.56 18.61 4.71
CA ASN B 506 11.15 18.32 4.88
C ASN B 506 10.36 19.38 4.13
N TYR B 507 9.53 18.94 3.17
CA TYR B 507 8.81 19.90 2.34
C TYR B 507 7.77 20.67 3.14
N ALA B 508 7.08 20.01 4.07
CA ALA B 508 6.05 20.69 4.84
C ALA B 508 6.64 21.85 5.64
N ILE B 509 7.70 21.57 6.41
CA ILE B 509 8.32 22.60 7.23
C ILE B 509 8.91 23.70 6.35
N TYR B 510 9.57 23.30 5.26
CA TYR B 510 10.17 24.29 4.37
C TYR B 510 9.11 25.23 3.82
N LYS B 511 8.00 24.69 3.34
CA LYS B 511 6.94 25.52 2.78
C LYS B 511 6.32 26.41 3.85
N ALA B 512 6.12 25.88 5.05
CA ALA B 512 5.52 26.67 6.12
C ALA B 512 6.43 27.84 6.50
N VAL B 513 7.75 27.60 6.56
CA VAL B 513 8.67 28.65 6.97
C VAL B 513 8.88 29.68 5.87
N GLN B 514 8.48 29.38 4.64
CA GLN B 514 8.73 30.30 3.54
C GLN B 514 8.01 31.63 3.81
N PRO B 515 8.70 32.78 3.66
CA PRO B 515 8.02 34.06 3.86
C PRO B 515 6.74 34.19 3.03
N MET C 1 38.02 -7.07 -9.12
CA MET C 1 38.96 -5.95 -8.83
C MET C 1 38.23 -4.86 -8.06
N SER C 2 37.44 -4.06 -8.78
CA SER C 2 36.61 -3.05 -8.15
C SER C 2 35.22 -3.62 -7.87
N GLN C 3 34.58 -3.09 -6.82
CA GLN C 3 33.22 -3.53 -6.50
C GLN C 3 32.26 -3.28 -7.65
N PHE C 4 32.50 -2.21 -8.42
CA PHE C 4 31.68 -1.95 -9.59
C PHE C 4 31.76 -3.11 -10.59
N GLY C 5 32.97 -3.60 -10.84
CA GLY C 5 33.12 -4.72 -11.75
C GLY C 5 32.50 -6.00 -11.21
N LYS C 6 32.67 -6.24 -9.91
CA LYS C 6 32.10 -7.45 -9.32
C LYS C 6 30.58 -7.43 -9.37
N SER C 7 29.97 -6.28 -9.12
CA SER C 7 28.52 -6.20 -9.12
C SER C 7 27.97 -6.25 -10.55
N PHE C 8 28.34 -5.26 -11.36
CA PHE C 8 27.88 -5.19 -12.75
C PHE C 8 28.89 -5.87 -13.68
N LYS C 9 29.21 -7.11 -13.35
CA LYS C 9 30.16 -7.87 -14.17
C LYS C 9 29.65 -8.00 -15.59
N GLY C 10 30.53 -7.75 -16.55
CA GLY C 10 30.17 -7.77 -17.95
C GLY C 10 29.57 -6.49 -18.48
N ARG C 11 29.40 -5.47 -17.63
CA ARG C 11 28.86 -4.18 -18.04
C ARG C 11 29.74 -3.08 -17.48
N THR C 12 30.12 -2.13 -18.32
CA THR C 12 30.91 -0.97 -17.91
C THR C 12 30.07 0.29 -17.76
N GLU C 13 28.76 0.20 -17.98
CA GLU C 13 27.89 1.36 -17.92
C GLU C 13 26.54 0.89 -17.39
N VAL C 14 25.97 1.63 -16.43
CA VAL C 14 24.70 1.25 -15.83
C VAL C 14 23.91 2.51 -15.51
N THR C 15 22.58 2.38 -15.54
CA THR C 15 21.71 3.50 -15.25
C THR C 15 21.84 3.93 -13.79
N ILE C 16 21.65 5.23 -13.55
CA ILE C 16 21.78 5.76 -12.19
C ILE C 16 20.74 5.12 -11.28
N THR C 17 19.53 4.87 -11.78
CA THR C 17 18.51 4.24 -10.95
C THR C 17 18.96 2.87 -10.45
N GLU C 18 19.55 2.07 -11.35
CA GLU C 18 20.03 0.76 -10.94
C GLU C 18 21.13 0.87 -9.91
N TYR C 19 22.07 1.80 -10.11
CA TYR C 19 23.15 1.98 -9.15
C TYR C 19 22.62 2.39 -7.79
N ARG C 20 21.66 3.32 -7.75
CA ARG C 20 21.12 3.78 -6.49
C ARG C 20 20.29 2.70 -5.80
N SER C 21 19.62 1.85 -6.57
CA SER C 21 18.80 0.80 -5.96
C SER C 21 19.64 -0.12 -5.09
N HIS C 22 20.94 -0.26 -5.39
CA HIS C 22 21.80 -1.13 -4.61
C HIS C 22 22.16 -0.55 -3.26
N THR C 23 22.05 0.75 -3.08
CA THR C 23 22.46 1.44 -1.85
C THR C 23 21.29 2.24 -1.28
N VAL C 24 20.10 1.66 -1.30
CA VAL C 24 18.93 2.30 -0.69
C VAL C 24 18.91 1.98 0.79
N LYS C 25 18.74 3.01 1.62
CA LYS C 25 18.83 2.84 3.06
C LYS C 25 17.75 3.59 3.83
N ASP C 26 16.89 4.35 3.15
CA ASP C 26 15.89 5.18 3.82
C ASP C 26 14.48 4.59 3.74
N VAL C 27 14.36 3.28 3.61
CA VAL C 27 13.07 2.60 3.54
C VAL C 27 12.78 1.98 4.91
N HIS C 28 11.64 2.35 5.48
CA HIS C 28 11.24 1.87 6.80
C HIS C 28 10.10 0.86 6.66
N ARG C 29 10.14 -0.17 7.50
CA ARG C 29 9.10 -1.18 7.55
C ARG C 29 8.72 -1.44 9.00
N SER C 30 7.42 -1.48 9.26
CA SER C 30 6.92 -1.78 10.61
C SER C 30 6.91 -3.29 10.80
N LEU C 31 7.76 -3.78 11.69
CA LEU C 31 7.94 -5.21 11.89
C LEU C 31 7.96 -5.53 13.38
N LEU C 32 7.77 -6.81 13.69
CA LEU C 32 7.75 -7.26 15.07
C LEU C 32 9.10 -7.14 15.76
N THR C 33 10.18 -6.95 15.00
CA THR C 33 11.53 -6.94 15.55
C THR C 33 12.03 -5.55 15.90
N ALA C 34 11.16 -4.53 15.86
CA ALA C 34 11.61 -3.16 16.08
C ALA C 34 12.21 -2.98 17.46
N ASP C 35 11.58 -3.54 18.49
CA ASP C 35 12.08 -3.34 19.85
C ASP C 35 13.46 -3.96 20.03
N LYS C 36 13.63 -5.19 19.55
CA LYS C 36 14.93 -5.86 19.68
C LYS C 36 16.00 -5.10 18.89
N SER C 37 15.67 -4.63 17.69
CA SER C 37 16.64 -3.89 16.89
C SER C 37 17.04 -2.60 17.59
N LEU C 38 16.08 -1.90 18.17
CA LEU C 38 16.40 -0.65 18.86
C LEU C 38 17.21 -0.91 20.13
N ARG C 39 16.94 -2.02 20.83
CA ARG C 39 17.70 -2.33 22.03
C ARG C 39 19.13 -2.74 21.69
N LYS C 40 19.32 -3.44 20.59
CA LYS C 40 20.63 -3.99 20.25
C LYS C 40 21.69 -2.88 20.24
N SER C 41 22.66 -3.00 21.14
CA SER C 41 23.82 -2.12 21.18
C SER C 41 23.45 -0.66 21.46
N PHE C 42 22.28 -0.43 22.07
CA PHE C 42 21.85 0.92 22.42
C PHE C 42 21.89 1.84 21.22
N CYS C 43 21.50 1.29 20.06
CA CYS C 43 21.53 2.08 18.83
C CYS C 43 20.56 3.25 18.91
N PHE C 44 19.36 3.02 19.45
CA PHE C 44 18.41 4.12 19.57
C PHE C 44 18.90 5.16 20.57
N ARG C 45 19.51 4.73 21.67
CA ARG C 45 20.06 5.68 22.63
C ARG C 45 21.12 6.56 21.97
N ASN C 46 22.04 5.94 21.23
CA ASN C 46 23.08 6.71 20.55
C ASN C 46 22.48 7.65 19.51
N ALA C 47 21.48 7.17 18.76
CA ALA C 47 20.85 8.01 17.75
C ALA C 47 20.14 9.20 18.39
N LEU C 48 19.48 8.97 19.53
CA LEU C 48 18.82 10.07 20.22
C LEU C 48 19.84 11.10 20.70
N ASN C 49 20.96 10.64 21.27
CA ASN C 49 21.99 11.57 21.70
C ASN C 49 22.55 12.36 20.51
N GLN C 50 22.80 11.68 19.40
CA GLN C 50 23.32 12.35 18.21
C GLN C 50 22.33 13.37 17.68
N PHE C 51 21.04 13.03 17.66
CA PHE C 51 20.03 13.97 17.20
C PHE C 51 19.95 15.18 18.12
N LEU C 52 19.99 14.95 19.43
CA LEU C 52 19.91 16.06 20.37
C LEU C 52 21.11 16.99 20.28
N ASP C 53 22.32 16.45 20.12
CA ASP C 53 23.52 17.27 20.16
C ASP C 53 24.01 17.77 18.80
N LYS C 54 23.51 17.21 17.70
CA LYS C 54 24.01 17.54 16.37
C LYS C 54 22.92 17.97 15.40
N ASP C 55 21.76 17.33 15.44
CA ASP C 55 20.70 17.57 14.47
C ASP C 55 19.55 18.40 15.00
N LEU C 56 19.22 18.29 16.28
CA LEU C 56 18.11 19.05 16.82
C LEU C 56 18.27 20.55 16.64
N PRO C 57 19.44 21.17 16.90
CA PRO C 57 19.59 22.62 16.71
C PRO C 57 19.88 23.01 15.26
N LEU C 58 19.15 22.39 14.33
CA LEU C 58 19.20 22.76 12.92
C LEU C 58 17.83 22.82 12.28
N LEU C 59 16.78 22.37 12.96
CA LEU C 59 15.43 22.40 12.40
C LEU C 59 14.88 23.81 12.47
N PRO C 60 14.39 24.38 11.37
CA PRO C 60 13.80 25.72 11.44
C PRO C 60 12.52 25.71 12.25
N ILE C 61 12.25 26.83 12.90
CA ILE C 61 11.05 27.00 13.71
C ILE C 61 9.95 27.52 12.80
N ARG C 62 8.93 26.71 12.58
CA ARG C 62 7.82 27.08 11.71
C ARG C 62 6.65 27.61 12.52
N PRO C 63 5.81 28.45 11.93
CA PRO C 63 4.68 29.01 12.66
C PRO C 63 3.58 27.98 12.87
N LYS C 64 2.76 28.25 13.88
CA LYS C 64 1.63 27.38 14.20
C LYS C 64 0.37 27.84 13.45
N LEU C 65 -0.51 26.88 13.20
CA LEU C 65 -1.75 27.18 12.49
C LEU C 65 -2.67 27.98 13.40
N GLU C 66 -3.30 29.01 12.83
CA GLU C 66 -4.20 29.89 13.57
C GLU C 66 -5.55 30.04 12.91
N SER C 67 -5.62 30.04 11.58
CA SER C 67 -6.87 30.27 10.88
C SER C 67 -7.80 29.08 11.02
N ARG C 68 -9.06 29.34 11.35
CA ARG C 68 -10.07 28.30 11.43
C ARG C 68 -11.44 28.94 11.23
N VAL C 69 -12.38 28.15 10.70
CA VAL C 69 -13.72 28.63 10.39
C VAL C 69 -14.73 27.69 11.02
N ALA C 70 -15.94 28.20 11.20
CA ALA C 70 -17.02 27.39 11.75
C ALA C 70 -17.33 26.22 10.82
N VAL C 71 -17.46 25.03 11.41
CA VAL C 71 -17.70 23.81 10.65
C VAL C 71 -18.81 23.02 11.33
N LYS C 72 -19.48 22.19 10.54
CA LYS C 72 -20.56 21.35 11.03
C LYS C 72 -20.48 19.98 10.36
N LYS C 73 -20.88 18.95 11.11
CA LYS C 73 -20.86 17.60 10.58
C LYS C 73 -21.77 17.49 9.37
N SER C 74 -21.29 16.80 8.34
CA SER C 74 -22.02 16.67 7.08
C SER C 74 -21.81 15.26 6.56
N LYS C 75 -22.25 15.01 5.32
CA LYS C 75 -22.06 13.71 4.71
C LYS C 75 -20.58 13.49 4.41
N LEU C 76 -20.16 12.23 4.46
CA LEU C 76 -18.80 11.88 4.09
C LEU C 76 -18.53 12.26 2.65
N ARG C 77 -17.36 12.85 2.41
CA ARG C 77 -16.94 13.23 1.08
C ARG C 77 -15.43 13.10 0.98
N SER C 78 -14.89 13.35 -0.21
CA SER C 78 -13.47 13.23 -0.48
C SER C 78 -12.86 14.60 -0.66
N GLN C 79 -11.74 14.84 -0.01
CA GLN C 79 -10.99 16.09 -0.09
C GLN C 79 -9.69 15.82 -0.82
N LEU C 80 -9.45 16.55 -1.90
CA LEU C 80 -8.20 16.48 -2.64
C LEU C 80 -7.38 17.72 -2.32
N SER C 81 -6.16 17.52 -1.83
CA SER C 81 -5.23 18.61 -1.56
C SER C 81 -4.07 18.51 -2.55
N PHE C 82 -3.82 19.59 -3.28
CA PHE C 82 -2.79 19.63 -4.30
C PHE C 82 -1.59 20.39 -3.75
N ARG C 83 -0.47 19.70 -3.57
CA ARG C 83 0.77 20.30 -3.13
C ARG C 83 1.69 20.47 -4.32
N PRO C 84 1.95 21.67 -4.81
CA PRO C 84 2.86 21.82 -5.95
C PRO C 84 4.29 21.46 -5.57
N GLY C 85 5.06 21.06 -6.57
CA GLY C 85 6.45 20.71 -6.37
C GLY C 85 7.34 21.93 -6.38
N LEU C 86 8.64 21.67 -6.31
CA LEU C 86 9.64 22.75 -6.33
C LEU C 86 9.98 23.14 -7.75
N THR C 87 10.07 24.45 -7.98
CA THR C 87 10.52 24.95 -9.27
C THR C 87 12.01 24.67 -9.45
N GLN C 88 12.42 24.52 -10.72
CA GLN C 88 13.79 24.14 -11.02
C GLN C 88 14.79 25.02 -10.30
N GLU C 89 14.60 26.34 -10.35
CA GLU C 89 15.55 27.25 -9.72
C GLU C 89 15.57 27.05 -8.21
N GLU C 90 14.40 26.89 -7.58
CA GLU C 90 14.38 26.68 -6.13
C GLU C 90 15.08 25.38 -5.76
N ALA C 91 14.85 24.32 -6.53
CA ALA C 91 15.52 23.05 -6.23
C ALA C 91 17.04 23.19 -6.37
N ILE C 92 17.49 23.86 -7.43
CA ILE C 92 18.93 24.04 -7.61
C ILE C 92 19.51 24.85 -6.46
N ASP C 93 18.82 25.92 -6.06
CA ASP C 93 19.31 26.74 -4.96
C ASP C 93 19.37 25.95 -3.66
N LEU C 94 18.35 25.13 -3.40
CA LEU C 94 18.37 24.31 -2.20
C LEU C 94 19.53 23.32 -2.22
N TYR C 95 19.78 22.71 -3.39
CA TYR C 95 20.91 21.80 -3.50
C TYR C 95 22.22 22.53 -3.23
N ASN C 96 22.37 23.73 -3.78
CA ASN C 96 23.58 24.51 -3.53
C ASN C 96 23.73 24.85 -2.06
N LYS C 97 22.61 25.13 -1.38
CA LYS C 97 22.68 25.48 0.04
C LYS C 97 23.25 24.34 0.87
N GLY C 98 23.21 23.11 0.34
CA GLY C 98 23.76 21.97 1.05
C GLY C 98 22.68 21.07 1.63
N TYR C 99 21.53 21.04 0.98
CA TYR C 99 20.42 20.21 1.42
C TYR C 99 20.45 18.86 0.72
N ASP C 100 19.93 17.85 1.40
CA ASP C 100 19.95 16.49 0.86
C ASP C 100 19.34 16.46 -0.54
N GLY C 101 20.17 16.13 -1.53
CA GLY C 101 19.71 16.16 -2.90
C GLY C 101 18.57 15.20 -3.17
N ASP C 102 18.58 14.03 -2.53
CA ASP C 102 17.55 13.05 -2.77
C ASP C 102 16.17 13.57 -2.37
N SER C 103 16.08 14.14 -1.15
CA SER C 103 14.79 14.64 -0.69
C SER C 103 14.31 15.81 -1.55
N VAL C 104 15.21 16.71 -1.91
CA VAL C 104 14.83 17.86 -2.73
C VAL C 104 14.33 17.39 -4.09
N SER C 105 15.04 16.45 -4.71
CA SER C 105 14.60 15.93 -6.01
C SER C 105 13.27 15.21 -5.90
N GLY C 106 13.06 14.47 -4.81
CA GLY C 106 11.83 13.72 -4.67
C GLY C 106 10.59 14.60 -4.63
N ALA C 107 10.72 15.81 -4.07
CA ALA C 107 9.59 16.72 -3.95
C ALA C 107 9.37 17.56 -5.19
N LEU C 108 10.16 17.36 -6.25
CA LEU C 108 9.96 18.12 -7.47
C LEU C 108 8.61 17.83 -8.10
N GLN C 109 8.06 16.64 -7.87
CA GLN C 109 6.81 16.24 -8.51
C GLN C 109 5.62 16.77 -7.73
N ASP C 110 4.61 17.24 -8.47
CA ASP C 110 3.39 17.72 -7.85
C ASP C 110 2.63 16.56 -7.21
N ARG C 111 2.07 16.80 -6.03
CA ARG C 111 1.39 15.77 -5.25
C ARG C 111 -0.09 16.08 -5.15
N VAL C 112 -0.90 15.01 -5.14
CA VAL C 112 -2.32 15.11 -4.89
C VAL C 112 -2.66 14.10 -3.80
N VAL C 113 -3.21 14.57 -2.69
CA VAL C 113 -3.52 13.73 -1.53
C VAL C 113 -5.03 13.64 -1.39
N ASN C 114 -5.53 12.42 -1.21
CA ASN C 114 -6.94 12.14 -1.02
C ASN C 114 -7.20 11.82 0.44
N GLU C 115 -8.22 12.47 1.02
CA GLU C 115 -8.58 12.19 2.41
C GLU C 115 -10.09 12.21 2.57
N PRO C 116 -10.68 11.22 3.24
CA PRO C 116 -12.13 11.28 3.51
C PRO C 116 -12.42 12.21 4.68
N VAL C 117 -13.32 13.17 4.46
CA VAL C 117 -13.69 14.15 5.47
C VAL C 117 -15.21 14.13 5.64
N ALA C 118 -15.66 14.20 6.90
CA ALA C 118 -17.07 14.20 7.23
C ALA C 118 -17.52 15.54 7.81
N TYR C 119 -16.77 16.60 7.55
CA TYR C 119 -17.11 17.94 8.00
C TYR C 119 -17.01 18.91 6.84
N SER C 120 -17.83 19.96 6.89
CA SER C 120 -17.83 20.98 5.84
C SER C 120 -18.25 22.31 6.45
N SER C 121 -17.88 23.38 5.76
CA SER C 121 -18.21 24.74 6.16
C SER C 121 -19.09 25.38 5.08
N ALA C 122 -19.60 26.57 5.39
CA ALA C 122 -20.43 27.29 4.43
C ALA C 122 -19.66 27.62 3.16
N ASP C 123 -18.40 28.03 3.30
CA ASP C 123 -17.59 28.41 2.15
C ASP C 123 -17.03 27.21 1.39
N ASN C 124 -17.17 26.00 1.91
CA ASN C 124 -16.68 24.79 1.25
C ASN C 124 -15.17 24.90 1.02
N ASP C 125 -14.44 24.98 2.12
CA ASP C 125 -12.99 25.14 2.11
C ASP C 125 -12.31 23.90 2.65
N LYS C 126 -11.04 23.74 2.30
CA LYS C 126 -10.28 22.57 2.70
C LYS C 126 -9.86 22.69 4.16
N PHE C 127 -9.43 21.57 4.73
CA PHE C 127 -9.07 21.49 6.14
C PHE C 127 -7.73 20.77 6.30
N HIS C 128 -7.02 21.13 7.36
CA HIS C 128 -5.72 20.52 7.63
C HIS C 128 -5.89 19.07 8.07
N ARG C 129 -4.80 18.32 7.96
CA ARG C 129 -4.81 16.91 8.33
C ARG C 129 -5.24 16.76 9.78
N GLY C 130 -6.41 16.15 9.99
CA GLY C 130 -6.90 15.86 11.31
C GLY C 130 -7.59 17.00 12.02
N LEU C 131 -7.70 18.17 11.39
CA LEU C 131 -8.29 19.35 12.03
C LEU C 131 -9.58 19.78 11.34
N ALA C 132 -10.18 18.92 10.54
CA ALA C 132 -11.45 19.27 9.90
C ALA C 132 -12.55 19.47 10.94
N ALA C 133 -12.56 18.64 11.97
CA ALA C 133 -13.58 18.78 13.01
C ALA C 133 -13.48 20.14 13.70
N LEU C 134 -12.27 20.57 14.03
CA LEU C 134 -12.09 21.88 14.64
C LEU C 134 -12.33 22.99 13.62
N GLY C 135 -11.89 22.80 12.39
CA GLY C 135 -12.13 23.73 11.33
C GLY C 135 -10.90 24.45 10.78
N TYR C 136 -9.70 24.06 11.17
CA TYR C 136 -8.49 24.69 10.63
C TYR C 136 -8.44 24.46 9.13
N THR C 137 -8.35 25.53 8.36
CA THR C 137 -8.43 25.47 6.91
C THR C 137 -7.09 25.76 6.28
N LEU C 138 -6.86 25.15 5.12
CA LEU C 138 -5.67 25.44 4.30
C LEU C 138 -5.91 26.76 3.55
N ALA C 139 -5.39 27.84 4.13
CA ALA C 139 -5.54 29.15 3.53
C ALA C 139 -4.64 29.25 2.30
N ASP C 140 -5.07 28.64 1.19
CA ASP C 140 -4.27 28.61 -0.02
C ASP C 140 -5.14 28.51 -1.25
N ARG C 141 -5.39 29.65 -1.91
CA ARG C 141 -6.08 29.67 -3.19
C ARG C 141 -5.04 29.49 -4.29
N ALA C 142 -4.93 28.27 -4.82
CA ALA C 142 -3.95 27.97 -5.86
C ALA C 142 -4.57 28.25 -7.23
N PHE C 143 -5.12 29.46 -7.35
CA PHE C 143 -5.78 29.88 -8.59
C PHE C 143 -6.72 28.78 -9.07
N ASP C 144 -7.79 28.52 -8.31
CA ASP C 144 -8.65 27.39 -8.56
C ASP C 144 -9.40 27.58 -9.86
N THR C 145 -8.88 27.04 -10.95
CA THR C 145 -9.47 27.29 -12.25
C THR C 145 -10.87 26.69 -12.32
N CYS C 146 -10.95 25.37 -12.46
CA CYS C 146 -12.22 24.66 -12.47
C CYS C 146 -13.06 25.01 -13.70
N GLU C 147 -12.63 26.02 -14.47
CA GLU C 147 -13.14 26.23 -15.82
C GLU C 147 -12.28 25.45 -16.82
N SER C 148 -10.96 25.54 -16.64
CA SER C 148 -10.05 24.76 -17.47
C SER C 148 -10.28 23.27 -17.29
N GLY C 149 -10.47 22.83 -16.04
CA GLY C 149 -10.67 21.41 -15.80
C GLY C 149 -11.96 20.90 -16.39
N PHE C 150 -13.05 21.66 -16.24
CA PHE C 150 -14.35 21.19 -16.70
C PHE C 150 -14.36 20.95 -18.21
N VAL C 151 -13.80 21.90 -18.97
CA VAL C 151 -13.80 21.75 -20.43
C VAL C 151 -12.79 20.71 -20.88
N ARG C 152 -11.59 20.70 -20.29
CA ARG C 152 -10.56 19.75 -20.70
C ARG C 152 -11.03 18.33 -20.46
N ALA C 153 -10.71 17.43 -21.40
CA ALA C 153 -11.11 16.03 -21.26
C ALA C 153 -10.46 15.40 -20.04
N ILE C 154 -9.18 15.66 -19.81
CA ILE C 154 -8.47 15.15 -18.65
C ILE C 154 -7.91 16.34 -17.88
N PRO C 155 -8.58 16.79 -16.82
CA PRO C 155 -8.10 17.98 -16.10
C PRO C 155 -6.68 17.77 -15.56
N THR C 156 -5.89 18.85 -15.60
CA THR C 156 -4.51 18.76 -15.15
C THR C 156 -4.43 18.57 -13.63
N THR C 157 -5.41 19.06 -12.89
CA THR C 157 -5.41 18.96 -11.43
C THR C 157 -6.85 18.77 -10.95
N PRO C 158 -7.25 17.53 -10.61
CA PRO C 158 -8.61 17.35 -10.08
C PRO C 158 -8.80 18.08 -8.76
N CYS C 159 -10.04 18.54 -8.55
CA CYS C 159 -10.38 19.30 -7.35
C CYS C 159 -11.26 18.53 -6.39
N GLY C 160 -11.55 17.26 -6.67
CA GLY C 160 -12.40 16.47 -5.81
C GLY C 160 -13.88 16.59 -6.09
N PHE C 161 -14.26 17.23 -7.20
CA PHE C 161 -15.66 17.39 -7.58
C PHE C 161 -15.84 16.93 -9.01
N ILE C 162 -17.10 16.84 -9.43
CA ILE C 162 -17.41 16.26 -10.73
C ILE C 162 -16.88 17.12 -11.87
N CYS C 163 -16.65 18.41 -11.63
CA CYS C 163 -16.15 19.26 -12.71
C CYS C 163 -14.79 18.79 -13.19
N CYS C 164 -13.93 18.36 -12.27
CA CYS C 164 -12.55 18.03 -12.59
C CYS C 164 -12.20 16.56 -12.36
N GLY C 165 -13.16 15.73 -11.96
CA GLY C 165 -12.88 14.34 -11.70
C GLY C 165 -13.99 13.70 -10.88
N PRO C 166 -13.73 12.53 -10.30
CA PRO C 166 -14.74 11.90 -9.45
C PRO C 166 -15.08 12.79 -8.28
N GLY C 167 -16.36 12.84 -7.94
CA GLY C 167 -16.83 13.63 -6.83
C GLY C 167 -18.24 14.14 -7.08
N SER C 168 -18.66 15.06 -6.22
CA SER C 168 -19.99 15.63 -6.24
C SER C 168 -19.96 17.01 -6.91
N PHE C 169 -21.08 17.72 -6.84
CA PHE C 169 -21.24 19.01 -7.50
C PHE C 169 -20.72 20.14 -6.59
N LYS C 170 -20.41 21.26 -7.23
CA LYS C 170 -19.90 22.45 -6.56
C LYS C 170 -20.91 23.58 -6.68
N ASP C 171 -20.57 24.74 -6.11
CA ASP C 171 -21.49 25.88 -6.11
C ASP C 171 -21.83 26.30 -7.52
N SER C 172 -20.82 26.47 -8.38
CA SER C 172 -21.02 26.97 -9.73
C SER C 172 -21.37 25.85 -10.72
N LEU C 173 -21.88 24.73 -10.22
CA LEU C 173 -22.28 23.61 -11.05
C LEU C 173 -23.78 23.40 -10.95
N GLY C 174 -24.34 22.77 -11.98
CA GLY C 174 -25.74 22.38 -11.96
C GLY C 174 -25.93 21.12 -12.75
N PHE C 175 -27.08 20.49 -12.57
CA PHE C 175 -27.40 19.27 -13.31
C PHE C 175 -28.86 19.27 -13.74
N VAL C 176 -29.10 18.56 -14.85
CA VAL C 176 -30.44 18.35 -15.38
C VAL C 176 -30.67 16.84 -15.46
N ILE C 177 -31.68 16.36 -14.73
CA ILE C 177 -31.97 14.93 -14.65
C ILE C 177 -33.42 14.70 -15.04
N LYS C 178 -33.66 13.76 -15.95
CA LYS C 178 -35.01 13.40 -16.36
C LYS C 178 -35.52 12.33 -15.41
N ILE C 179 -36.43 12.72 -14.53
CA ILE C 179 -37.07 11.80 -13.58
C ILE C 179 -38.46 11.50 -14.15
N GLY C 180 -38.70 10.25 -14.50
CA GLY C 180 -39.97 9.86 -15.06
C GLY C 180 -40.30 10.65 -16.31
N GLU C 181 -41.23 11.60 -16.18
CA GLU C 181 -41.71 12.41 -17.29
C GLU C 181 -41.44 13.90 -17.07
N PHE C 182 -40.48 14.24 -16.21
CA PHE C 182 -40.16 15.62 -15.90
C PHE C 182 -38.65 15.81 -15.92
N TRP C 183 -38.22 17.06 -16.11
CA TRP C 183 -36.80 17.42 -16.05
C TRP C 183 -36.55 18.28 -14.82
N HIS C 184 -35.77 17.75 -13.87
CA HIS C 184 -35.36 18.51 -12.70
C HIS C 184 -34.05 19.22 -13.01
N MET C 185 -34.05 20.54 -12.88
CA MET C 185 -32.86 21.37 -13.04
C MET C 185 -32.48 21.87 -11.65
N TYR C 186 -31.25 21.57 -11.23
CA TYR C 186 -30.78 21.93 -9.90
C TYR C 186 -29.44 22.65 -10.02
N ASP C 187 -29.27 23.72 -9.26
CA ASP C 187 -28.03 24.48 -9.21
C ASP C 187 -27.39 24.50 -7.84
N GLY C 188 -28.00 23.85 -6.85
CA GLY C 188 -27.54 23.88 -5.48
C GLY C 188 -28.26 24.87 -4.60
N PHE C 189 -28.91 25.88 -5.20
CA PHE C 189 -29.70 26.86 -4.48
C PHE C 189 -31.17 26.87 -4.88
N GLN C 190 -31.47 26.64 -6.16
CA GLN C 190 -32.84 26.64 -6.66
C GLN C 190 -33.10 25.39 -7.49
N HIS C 191 -34.20 24.71 -7.19
CA HIS C 191 -34.62 23.51 -7.91
C HIS C 191 -35.87 23.84 -8.70
N PHE C 192 -35.89 23.47 -9.98
CA PHE C 192 -37.04 23.72 -10.83
C PHE C 192 -37.39 22.46 -11.62
N VAL C 193 -38.66 22.37 -12.00
CA VAL C 193 -39.18 21.23 -12.75
C VAL C 193 -39.72 21.75 -14.07
N ALA C 194 -39.36 21.06 -15.16
CA ALA C 194 -39.73 21.46 -16.51
C ALA C 194 -40.38 20.29 -17.23
N VAL C 195 -41.25 20.65 -18.18
CA VAL C 195 -41.97 19.67 -18.99
C VAL C 195 -42.31 20.32 -20.32
N GLU C 196 -42.54 19.49 -21.33
CA GLU C 196 -42.85 19.96 -22.68
C GLU C 196 -44.29 19.60 -22.99
N ASP C 197 -45.12 20.60 -23.27
CA ASP C 197 -46.52 20.35 -23.58
C ASP C 197 -46.68 19.86 -25.01
N ALA C 198 -46.37 20.72 -25.98
CA ALA C 198 -46.31 20.32 -27.39
C ALA C 198 -44.91 20.55 -27.97
N LYS C 199 -44.40 21.78 -27.86
CA LYS C 199 -43.05 22.08 -28.34
C LYS C 199 -42.28 23.01 -27.41
N PHE C 200 -42.89 23.46 -26.32
CA PHE C 200 -42.24 24.39 -25.40
C PHE C 200 -41.53 23.62 -24.28
N LEU C 201 -40.95 24.38 -23.36
CA LEU C 201 -40.34 23.84 -22.14
C LEU C 201 -41.04 24.54 -20.98
N ALA C 202 -42.17 23.97 -20.56
CA ALA C 202 -42.99 24.60 -19.53
C ALA C 202 -42.35 24.44 -18.16
N SER C 203 -42.02 25.56 -17.52
CA SER C 203 -41.39 25.54 -16.22
C SER C 203 -41.77 26.81 -15.46
N LYS C 204 -41.62 26.76 -14.14
CA LYS C 204 -41.98 27.91 -13.30
C LYS C 204 -41.07 29.10 -13.60
N SER C 205 -39.78 28.85 -13.84
CA SER C 205 -38.79 29.90 -14.06
C SER C 205 -38.05 29.64 -15.36
N PRO C 206 -38.67 29.95 -16.50
CA PRO C 206 -37.97 29.73 -17.78
C PRO C 206 -36.67 30.51 -17.90
N SER C 207 -36.55 31.64 -17.21
CA SER C 207 -35.34 32.44 -17.28
C SER C 207 -34.15 31.77 -16.62
N PHE C 208 -34.36 30.68 -15.88
CA PHE C 208 -33.26 30.01 -15.20
C PHE C 208 -32.19 29.59 -16.21
N TRP C 209 -30.93 29.85 -15.84
CA TRP C 209 -29.81 29.46 -16.70
C TRP C 209 -29.89 27.98 -17.07
N LEU C 210 -30.15 27.13 -16.08
CA LEU C 210 -30.28 25.71 -16.37
C LEU C 210 -31.50 25.42 -17.23
N ALA C 211 -32.58 26.18 -17.03
CA ALA C 211 -33.75 26.02 -17.88
C ALA C 211 -33.41 26.36 -19.33
N LYS C 212 -32.66 27.44 -19.55
CA LYS C 212 -32.25 27.79 -20.91
C LYS C 212 -31.35 26.71 -21.50
N ARG C 213 -30.42 26.17 -20.71
CA ARG C 213 -29.56 25.11 -21.21
C ARG C 213 -30.37 23.88 -21.59
N LEU C 214 -31.34 23.50 -20.76
CA LEU C 214 -32.17 22.35 -21.06
C LEU C 214 -33.01 22.59 -22.32
N ALA C 215 -33.55 23.80 -22.46
CA ALA C 215 -34.33 24.11 -23.65
C ALA C 215 -33.47 24.03 -24.91
N LYS C 216 -32.25 24.56 -24.84
CA LYS C 216 -31.34 24.47 -25.99
C LYS C 216 -31.00 23.03 -26.30
N ARG C 217 -30.77 22.21 -25.27
CA ARG C 217 -30.46 20.80 -25.51
C ARG C 217 -31.63 20.08 -26.16
N LEU C 218 -32.85 20.34 -25.68
CA LEU C 218 -34.04 19.70 -26.23
C LEU C 218 -34.59 20.41 -27.45
N ASN C 219 -34.08 21.60 -27.78
CA ASN C 219 -34.55 22.38 -28.91
C ASN C 219 -36.05 22.68 -28.80
N LEU C 220 -36.40 23.41 -27.73
CA LEU C 220 -37.76 23.79 -27.45
C LEU C 220 -37.82 25.29 -27.24
N VAL C 221 -39.03 25.79 -26.96
CA VAL C 221 -39.27 27.22 -26.72
C VAL C 221 -39.66 27.38 -25.25
N PRO C 222 -38.87 28.11 -24.45
CA PRO C 222 -39.24 28.26 -23.03
C PRO C 222 -40.58 28.94 -22.86
N LYS C 223 -41.33 28.50 -21.86
CA LYS C 223 -42.63 29.06 -21.56
C LYS C 223 -42.87 28.98 -20.06
N GLU C 224 -43.45 30.04 -19.50
CA GLU C 224 -43.78 30.07 -18.09
C GLU C 224 -45.04 29.24 -17.83
N ASP C 225 -44.99 28.39 -16.81
CA ASP C 225 -46.14 27.57 -16.45
C ASP C 225 -46.04 27.14 -14.99
N PRO C 226 -46.62 27.89 -14.06
CA PRO C 226 -46.56 27.47 -12.64
C PRO C 226 -47.25 26.15 -12.38
N SER C 227 -48.15 25.71 -13.27
CA SER C 227 -48.87 24.47 -13.05
C SER C 227 -47.96 23.25 -13.07
N VAL C 228 -46.74 23.37 -13.60
CA VAL C 228 -45.83 22.24 -13.64
C VAL C 228 -45.26 21.99 -12.23
N ALA C 229 -45.39 20.76 -11.77
CA ALA C 229 -44.92 20.41 -10.43
C ALA C 229 -44.52 18.94 -10.41
N ALA C 230 -43.70 18.58 -9.42
CA ALA C 230 -43.24 17.22 -9.24
C ALA C 230 -43.56 16.76 -7.82
N ALA C 231 -43.93 15.48 -7.68
CA ALA C 231 -44.30 14.96 -6.38
C ALA C 231 -43.14 15.03 -5.40
N GLU C 232 -41.97 14.53 -5.80
CA GLU C 232 -40.78 14.57 -4.96
C GLU C 232 -39.57 14.41 -5.86
N CYS C 233 -38.43 14.92 -5.39
CA CYS C 233 -37.19 14.84 -6.16
C CYS C 233 -36.04 14.40 -5.26
N PRO C 234 -35.11 13.59 -5.77
CA PRO C 234 -33.90 13.27 -5.01
C PRO C 234 -32.79 14.26 -5.29
N CYS C 235 -33.15 15.41 -5.89
CA CYS C 235 -32.14 16.33 -6.41
C CYS C 235 -31.09 16.66 -5.35
N LYS C 236 -31.51 16.74 -4.09
CA LYS C 236 -30.53 16.94 -3.02
C LYS C 236 -29.58 15.75 -2.92
N LYS C 237 -30.12 14.52 -3.01
CA LYS C 237 -29.28 13.34 -2.89
C LYS C 237 -28.28 13.22 -4.04
N VAL C 238 -28.75 13.42 -5.27
CA VAL C 238 -27.84 13.38 -6.41
C VAL C 238 -26.84 14.52 -6.33
N TRP C 239 -27.28 15.68 -5.84
CA TRP C 239 -26.34 16.79 -5.66
C TRP C 239 -25.23 16.43 -4.70
N GLU C 240 -25.56 15.77 -3.60
CA GLU C 240 -24.55 15.38 -2.62
C GLU C 240 -23.93 14.02 -2.92
N ALA C 241 -24.39 13.33 -3.95
CA ALA C 241 -23.80 12.06 -4.36
C ALA C 241 -22.66 12.32 -5.34
N SER C 242 -21.68 11.41 -5.33
CA SER C 242 -20.48 11.54 -6.15
C SER C 242 -20.57 10.58 -7.33
N PHE C 243 -20.37 11.11 -8.53
CA PHE C 243 -20.36 10.35 -9.77
C PHE C 243 -18.94 10.24 -10.30
N ALA C 244 -18.79 9.44 -11.35
CA ALA C 244 -17.51 9.32 -12.02
C ALA C 244 -17.42 10.32 -13.17
N ARG C 245 -16.22 10.85 -13.39
CA ARG C 245 -15.99 11.82 -14.44
C ARG C 245 -15.51 11.09 -15.69
N ALA C 246 -16.24 11.25 -16.79
CA ALA C 246 -15.84 10.63 -18.04
C ALA C 246 -14.68 11.38 -18.68
N PRO C 247 -13.77 10.68 -19.38
CA PRO C 247 -12.66 11.33 -20.07
C PRO C 247 -13.03 11.83 -21.47
N THR C 248 -14.14 12.54 -21.56
CA THR C 248 -14.65 13.06 -22.82
C THR C 248 -14.95 14.54 -22.68
N ALA C 249 -14.65 15.30 -23.73
CA ALA C 249 -14.85 16.73 -23.72
C ALA C 249 -16.35 17.06 -23.62
N LEU C 250 -16.65 18.34 -23.49
CA LEU C 250 -18.03 18.77 -23.34
C LEU C 250 -18.79 18.64 -24.65
N ASP C 251 -20.11 18.50 -24.52
CA ASP C 251 -20.99 18.44 -25.68
C ASP C 251 -21.12 19.84 -26.28
N PRO C 252 -21.65 19.93 -27.52
CA PRO C 252 -21.94 21.27 -28.06
C PRO C 252 -22.87 22.07 -27.17
N PHE C 253 -23.75 21.39 -26.41
CA PHE C 253 -24.55 22.05 -25.39
C PHE C 253 -23.72 22.40 -24.15
N GLY C 254 -22.47 21.94 -24.08
CA GLY C 254 -21.61 22.23 -22.95
C GLY C 254 -21.78 21.30 -21.77
N GLY C 255 -22.66 20.31 -21.86
CA GLY C 255 -22.93 19.41 -20.76
C GLY C 255 -22.24 18.07 -20.96
N ARG C 256 -21.74 17.50 -19.86
CA ARG C 256 -21.09 16.20 -19.86
C ARG C 256 -21.97 15.23 -19.09
N ALA C 257 -22.29 14.09 -19.72
CA ALA C 257 -23.17 13.12 -19.09
C ALA C 257 -22.57 12.62 -17.79
N PHE C 258 -23.42 12.48 -16.77
CA PHE C 258 -22.98 11.95 -15.48
C PHE C 258 -23.87 10.79 -15.05
N CYS C 259 -25.06 10.69 -15.61
CA CYS C 259 -25.96 9.58 -15.35
C CYS C 259 -26.98 9.51 -16.48
N ASP C 260 -27.87 8.54 -16.42
CA ASP C 260 -28.84 8.35 -17.49
C ASP C 260 -29.65 9.62 -17.69
N GLN C 261 -29.79 10.03 -18.96
CA GLN C 261 -30.54 11.22 -19.31
C GLN C 261 -30.14 12.42 -18.44
N GLY C 262 -28.91 12.42 -17.97
CA GLY C 262 -28.45 13.47 -17.07
C GLY C 262 -27.17 14.11 -17.58
N TRP C 263 -27.11 15.44 -17.47
CA TRP C 263 -25.95 16.20 -17.85
C TRP C 263 -25.65 17.27 -16.81
N VAL C 264 -24.38 17.65 -16.73
CA VAL C 264 -23.87 18.64 -15.80
C VAL C 264 -23.46 19.87 -16.58
N TYR C 265 -23.79 21.04 -16.06
CA TYR C 265 -23.50 22.31 -16.70
C TYR C 265 -22.75 23.22 -15.74
N HIS C 266 -21.88 24.06 -16.31
CA HIS C 266 -21.11 25.04 -15.57
C HIS C 266 -21.54 26.43 -16.02
N ARG C 267 -21.91 27.27 -15.06
CA ARG C 267 -22.38 28.61 -15.40
C ARG C 267 -21.32 29.38 -16.15
N ASP C 268 -20.09 29.42 -15.63
CA ASP C 268 -19.04 30.25 -16.18
C ASP C 268 -18.62 29.83 -17.59
N VAL C 269 -19.01 28.64 -18.05
CA VAL C 269 -18.67 28.15 -19.38
C VAL C 269 -19.94 28.13 -20.22
N GLY C 270 -19.87 28.69 -21.43
CA GLY C 270 -20.99 28.70 -22.33
C GLY C 270 -20.94 27.59 -23.35
N LYS C 381 7.21 33.47 -28.22
CA LYS C 381 7.85 33.48 -26.91
C LYS C 381 8.95 32.44 -26.84
N ALA C 382 9.58 32.33 -25.66
CA ALA C 382 10.63 31.36 -25.42
C ALA C 382 10.43 30.73 -24.05
N LYS C 383 10.69 29.42 -23.97
CA LYS C 383 10.62 28.68 -22.71
C LYS C 383 11.97 28.81 -22.02
N VAL C 384 12.19 29.95 -21.38
CA VAL C 384 13.44 30.20 -20.69
C VAL C 384 13.61 29.16 -19.58
N THR C 385 14.72 28.43 -19.64
CA THR C 385 15.02 27.37 -18.67
C THR C 385 16.29 27.72 -17.91
N VAL C 386 16.35 27.30 -16.67
CA VAL C 386 17.50 27.55 -15.79
C VAL C 386 18.22 26.22 -15.59
N LEU C 387 19.36 26.07 -16.25
CA LEU C 387 20.10 24.80 -16.18
C LEU C 387 20.70 24.60 -14.79
N SER C 388 21.37 25.62 -14.27
CA SER C 388 22.01 25.51 -12.96
C SER C 388 22.27 26.90 -12.42
N ARG C 389 22.53 26.97 -11.11
CA ARG C 389 22.87 28.23 -10.44
C ARG C 389 24.40 28.35 -10.31
N SER C 390 25.07 28.29 -11.45
CA SER C 390 26.52 28.40 -11.48
C SER C 390 26.96 28.82 -12.88
N LYS C 391 28.19 29.31 -12.96
CA LYS C 391 28.79 29.71 -14.23
C LYS C 391 29.59 28.53 -14.78
N TRP C 392 29.20 28.05 -15.95
CA TRP C 392 29.92 26.96 -16.61
C TRP C 392 31.10 27.54 -17.39
N MET C 393 32.29 27.04 -17.12
CA MET C 393 33.48 27.56 -17.79
C MET C 393 33.42 27.26 -19.28
N GLY C 394 34.01 28.16 -20.07
CA GLY C 394 33.99 28.03 -21.51
C GLY C 394 32.61 28.17 -22.12
N TYR C 395 31.83 29.14 -21.66
CA TYR C 395 30.49 29.39 -22.18
C TYR C 395 30.31 30.88 -22.42
N GLU C 396 29.36 31.20 -23.30
CA GLU C 396 29.14 32.57 -23.70
C GLU C 396 28.46 33.36 -22.59
N ASP C 397 28.62 34.68 -22.64
CA ASP C 397 27.94 35.57 -21.72
C ASP C 397 26.57 35.96 -22.29
N LEU C 398 25.63 36.20 -21.41
CA LEU C 398 24.26 36.51 -21.82
C LEU C 398 24.22 37.85 -22.54
N PRO C 399 23.81 37.90 -23.82
CA PRO C 399 23.68 39.21 -24.49
C PRO C 399 22.30 39.81 -24.28
N GLN C 400 22.07 40.99 -24.88
CA GLN C 400 20.77 41.62 -24.77
C GLN C 400 19.69 40.85 -25.51
N LYS C 401 20.04 40.23 -26.65
CA LYS C 401 19.11 39.49 -27.49
C LYS C 401 19.65 38.09 -27.73
N PRO C 402 19.56 37.21 -26.75
CA PRO C 402 19.99 35.82 -26.95
C PRO C 402 19.02 35.07 -27.83
N PRO C 403 19.37 34.80 -29.10
CA PRO C 403 18.39 34.22 -30.02
C PRO C 403 17.86 32.87 -29.58
N ASN C 404 18.73 31.87 -29.47
CA ASN C 404 18.29 30.53 -29.08
C ASN C 404 19.29 29.76 -28.23
N GLY C 405 20.43 30.33 -27.86
CA GLY C 405 21.49 29.60 -27.20
C GLY C 405 21.37 29.61 -25.68
N THR C 406 22.38 29.04 -25.05
CA THR C 406 22.51 29.05 -23.59
C THR C 406 23.61 30.02 -23.20
N PHE C 407 23.37 30.78 -22.14
CA PHE C 407 24.31 31.81 -21.69
C PHE C 407 24.28 31.87 -20.17
N TYR C 408 25.13 32.72 -19.60
CA TYR C 408 25.19 32.95 -18.17
C TYR C 408 24.66 34.34 -17.87
N CYS C 409 23.69 34.42 -16.97
CA CYS C 409 23.08 35.69 -16.60
C CYS C 409 23.83 36.30 -15.42
N ARG C 410 24.09 37.60 -15.51
CA ARG C 410 24.76 38.31 -14.41
C ARG C 410 23.79 38.82 -13.36
N LYS C 411 22.59 39.24 -13.76
CA LYS C 411 21.59 39.68 -12.79
C LYS C 411 21.23 38.54 -11.84
N ARG C 412 21.04 37.34 -12.38
CA ARG C 412 20.86 36.13 -11.59
C ARG C 412 21.99 35.17 -11.94
N LYS C 413 22.73 34.72 -10.93
CA LYS C 413 23.89 33.86 -11.15
C LYS C 413 23.38 32.48 -11.55
N ALA C 414 23.12 32.33 -12.84
CA ALA C 414 22.53 31.10 -13.36
C ALA C 414 22.82 30.97 -14.84
N MET C 415 22.60 29.75 -15.35
CA MET C 415 22.70 29.46 -16.76
C MET C 415 21.30 29.41 -17.35
N LEU C 416 21.05 30.25 -18.35
CA LEU C 416 19.74 30.40 -18.96
C LEU C 416 19.78 29.89 -20.39
N LEU C 417 18.81 29.03 -20.74
CA LEU C 417 18.67 28.49 -22.08
C LEU C 417 17.41 29.06 -22.71
N ILE C 418 17.55 29.66 -23.89
CA ILE C 418 16.47 30.33 -24.59
C ILE C 418 16.06 29.46 -25.77
N SER C 419 14.76 29.19 -25.88
CA SER C 419 14.23 28.31 -26.92
C SER C 419 13.31 29.10 -27.84
N CYS C 420 13.49 28.92 -29.15
CA CYS C 420 12.65 29.58 -30.14
C CYS C 420 12.68 31.09 -29.96
N1 CTP F 1 -4.42 -10.94 -2.37
C2 CTP F 1 -3.03 -10.88 -2.36
N3 CTP F 1 -2.38 -10.70 -1.19
C4 CTP F 1 -3.07 -10.60 -0.04
C5 CTP F 1 -4.48 -10.67 -0.03
C6 CTP F 1 -5.11 -10.84 -1.20
O2 CTP F 1 -2.42 -10.97 -3.45
N4 CTP F 1 -2.39 -10.42 1.08
C1' CTP F 1 -5.11 -11.14 -3.67
C2' CTP F 1 -4.95 -12.56 -4.22
O2' CTP F 1 -5.11 -12.54 -5.62
C3' CTP F 1 -6.14 -13.24 -3.52
C4' CTP F 1 -7.20 -12.17 -3.73
O4' CTP F 1 -6.49 -10.93 -3.48
O3' CTP F 1 -6.50 -14.48 -4.11
C5' CTP F 1 -8.42 -12.27 -2.84
O5' CTP F 1 -8.02 -12.30 -1.45
PA CTP F 1 -9.12 -12.66 -0.34
O1A CTP F 1 -8.61 -12.25 1.00
O2A CTP F 1 -10.44 -12.13 -0.76
O3A CTP F 1 -9.14 -14.27 -0.40
PB CTP F 1 -9.18 -15.35 -1.59
O1B CTP F 1 -7.81 -15.48 -2.16
O2B CTP F 1 -10.32 -15.03 -2.48
O3B CTP F 1 -9.54 -16.68 -0.76
PG CTP F 1 -10.72 -17.01 0.30
O1G CTP F 1 -10.67 -18.49 0.52
O2G CTP F 1 -12.00 -16.56 -0.36
O3G CTP F 1 -10.39 -16.22 1.54
H5 CTP F 1 -4.97 -10.60 0.77
H6 CTP F 1 -6.05 -10.90 -1.22
HN41 CTP F 1 -2.81 -10.35 1.84
HN42 CTP F 1 -1.51 -10.39 1.05
H1' CTP F 1 -4.76 -10.48 -4.32
H2' CTP F 1 -4.09 -12.95 -3.95
HO2' CTP F 1 -5.02 -13.32 -5.93
H3' CTP F 1 -5.94 -13.36 -2.56
H4' CTP F 1 -7.50 -12.18 -4.66
HO3' CTP F 1 -5.82 -14.99 -4.08
H5'1 CTP F 1 -8.93 -13.08 -3.07
H5'2 CTP F 1 -9.01 -11.49 -3.00
ZN ZN G . -2.76 -23.95 37.26
MG MG H . -11.64 -10.45 -0.57
ZN ZN I . -13.42 21.40 -10.00
ZN ZN J . -36.07 17.33 -7.95
MG MG K . -12.06 -14.58 -1.71
#